data_4ZTY
#
_entry.id   4ZTY
#
_cell.length_a   78.045
_cell.length_b   95.198
_cell.length_c   115.124
_cell.angle_alpha   90.00
_cell.angle_beta   90.00
_cell.angle_gamma   90.00
#
_symmetry.space_group_name_H-M   'P 21 21 21'
#
loop_
_entity.id
_entity.type
_entity.pdbx_description
1 polymer 'Cobalamin-Independent Methionine synthase'
2 non-polymer 'CADMIUM ION'
3 non-polymer GLYCEROL
4 non-polymer 'NITRATE ION'
5 non-polymer 2-AMINO-2-HYDROXYMETHYL-PROPANE-1,3-DIOL
6 water water
#
_entity_poly.entity_id   1
_entity_poly.type   'polypeptide(L)'
_entity_poly.pdbx_seq_one_letter_code
;MVQSSVLGFPRMGVLRDLKKANEAYWADKISQEALLAEGKRLRLAHWKIQKDAGVDIIPSNDFAHYDHVLDHIQLFNAVP
ERYTSQKLSPLDEYFAMGRGHQKGGVDVPALEMVKWFDSNYHYVKPTLQDNQTFSLAKDPKPVREFLEAKEAGFQTRPVL
VGPVSFLALGKADRGSSVDPITLLDKLVPVYVELLKQLKAAGAESVQIDEPVLVFDLRPEVKAAFKPAYEAIAAAGDAVP
KVVVATYFGDIVHNFDVLPAFSGAAGLHVDLVRNPEQLEPVLKQLGPNQILSAGVVDGRNIWKNDFAKSLEILQTAVKAL
GSERVIVATSSSLIHTPHTLASEKKLPSDVYEWFSFAVEKVKEVATLAKAVTEPEAVKAELEANAAAIKARTDSKRTNDP
AVKERQAQVTPEQHNRKAPFNTRYAEQKKHLSLPLFPTTTIGSFPQTSEIRVQRNKFTKGEISAEEYERFIEKEIELAVK
IQDELDLDVYVHGEPERNDMVQYFGERLNGYVFTTHAWVQSYGSRCVRPPIIVGDISRPAPMTVKESKYAASISKKPMKG
MLTGPVTCLRWSFPRVDVHQSVQCQQLALALRDEVVDLEKNGIYVIQVDEPALREGLPLRKGQEREAYLKWAVDSFKLAT
AGVENSTQIHSHFCYSEFQDFFHAIAALDADVLSIENSKSDAKLLKVFIDEEYPRHIGPGVYDIHSPRVPTLEEFKQRIE
EMLAYLKPEQLWINPDCGLKTRKWDEVKGALSHMVEAAKYFREKYANKA
;
_entity_poly.pdbx_strand_id   A
#
loop_
_chem_comp.id
_chem_comp.type
_chem_comp.name
_chem_comp.formula
CD non-polymer 'CADMIUM ION' 'Cd 2'
GOL non-polymer GLYCEROL 'C3 H8 O3'
NO3 non-polymer 'NITRATE ION' 'N O3 -1'
TRS non-polymer 2-AMINO-2-HYDROXYMETHYL-PROPANE-1,3-DIOL 'C4 H12 N O3 1'
#
# COMPACT_ATOMS: atom_id res chain seq x y z
N VAL A 2 -12.16 -11.49 31.05
CA VAL A 2 -11.38 -10.74 30.07
C VAL A 2 -12.25 -10.43 28.86
N GLN A 3 -12.19 -9.18 28.39
CA GLN A 3 -13.01 -8.77 27.27
C GLN A 3 -12.26 -8.86 25.95
N SER A 4 -13.01 -9.11 24.88
CA SER A 4 -12.47 -9.10 23.52
C SER A 4 -12.83 -7.79 22.82
N SER A 5 -11.98 -7.36 21.89
CA SER A 5 -12.13 -6.07 21.24
C SER A 5 -11.72 -6.15 19.76
N VAL A 6 -12.46 -5.47 18.89
CA VAL A 6 -12.14 -5.36 17.47
C VAL A 6 -11.95 -3.87 17.17
N LEU A 7 -10.82 -3.51 16.58
CA LEU A 7 -10.51 -2.08 16.42
C LEU A 7 -11.23 -1.50 15.24
N GLY A 8 -11.63 -2.35 14.30
CA GLY A 8 -12.36 -1.88 13.13
C GLY A 8 -12.69 -3.07 12.25
N PHE A 9 -13.77 -2.97 11.47
CA PHE A 9 -14.23 -4.08 10.63
C PHE A 9 -14.21 -3.63 9.16
N PRO A 10 -13.86 -4.54 8.23
CA PRO A 10 -13.84 -4.13 6.83
C PRO A 10 -15.22 -3.62 6.35
N ARG A 11 -15.19 -2.60 5.51
CA ARG A 11 -16.38 -1.84 5.19
C ARG A 11 -17.13 -2.30 3.95
N MET A 12 -16.45 -3.00 3.05
CA MET A 12 -16.96 -3.17 1.67
C MET A 12 -18.14 -4.13 1.56
N GLY A 13 -18.23 -5.07 2.49
CA GLY A 13 -19.31 -6.05 2.47
C GLY A 13 -18.92 -7.35 1.79
N VAL A 14 -19.68 -8.40 2.10
CA VAL A 14 -19.32 -9.74 1.67
C VAL A 14 -19.08 -9.84 0.15
N LEU A 15 -19.80 -9.04 -0.64
CA LEU A 15 -19.65 -9.06 -2.10
C LEU A 15 -19.30 -7.68 -2.65
N ARG A 16 -18.53 -6.93 -1.86
CA ARG A 16 -18.18 -5.55 -2.19
C ARG A 16 -19.43 -4.71 -2.45
N ASP A 17 -20.47 -4.98 -1.65
CA ASP A 17 -21.73 -4.26 -1.69
C ASP A 17 -21.53 -2.75 -1.69
N LEU A 18 -20.58 -2.28 -0.90
CA LEU A 18 -20.38 -0.83 -0.74
C LEU A 18 -19.83 -0.24 -2.03
N LYS A 19 -18.90 -0.94 -2.66
CA LYS A 19 -18.37 -0.51 -3.94
C LYS A 19 -19.50 -0.42 -4.98
N LYS A 20 -20.32 -1.46 -5.02
CA LYS A 20 -21.40 -1.51 -6.03
C LYS A 20 -22.38 -0.37 -5.83
N ALA A 21 -22.71 -0.08 -4.57
CA ALA A 21 -23.69 0.93 -4.25
C ALA A 21 -23.12 2.32 -4.46
N ASN A 22 -21.90 2.55 -3.98
CA ASN A 22 -21.21 3.83 -4.22
C ASN A 22 -21.20 4.17 -5.70
N GLU A 23 -20.71 3.22 -6.50
CA GLU A 23 -20.55 3.43 -7.93
C GLU A 23 -21.91 3.58 -8.64
N ALA A 24 -22.93 2.88 -8.15
CA ALA A 24 -24.26 3.02 -8.75
C ALA A 24 -24.80 4.42 -8.47
N TYR A 25 -24.49 4.94 -7.28
CA TYR A 25 -24.85 6.31 -6.94
C TYR A 25 -24.08 7.33 -7.79
N TRP A 26 -22.79 7.11 -7.99
CA TRP A 26 -21.99 8.07 -8.77
C TRP A 26 -22.45 8.09 -10.22
N ALA A 27 -23.08 6.99 -10.65
CA ALA A 27 -23.52 6.88 -12.04
C ALA A 27 -25.01 7.19 -12.17
N ASP A 28 -25.58 7.79 -11.13
CA ASP A 28 -26.99 8.20 -11.09
C ASP A 28 -27.98 7.04 -11.18
N LYS A 29 -27.54 5.83 -10.86
CA LYS A 29 -28.44 4.69 -10.96
C LYS A 29 -29.22 4.45 -9.66
N ILE A 30 -28.75 4.99 -8.54
CA ILE A 30 -29.53 4.97 -7.30
C ILE A 30 -29.51 6.34 -6.61
N SER A 31 -30.51 6.59 -5.76
CA SER A 31 -30.62 7.86 -5.08
C SER A 31 -29.67 7.92 -3.89
N GLN A 32 -29.52 9.11 -3.31
CA GLN A 32 -28.76 9.28 -2.09
C GLN A 32 -29.34 8.46 -0.94
N GLU A 33 -30.66 8.51 -0.78
CA GLU A 33 -31.33 7.73 0.25
C GLU A 33 -31.01 6.24 0.12
N ALA A 34 -31.06 5.74 -1.11
CA ALA A 34 -30.77 4.34 -1.37
C ALA A 34 -29.33 3.99 -0.99
N LEU A 35 -28.40 4.86 -1.33
CA LEU A 35 -26.99 4.62 -1.02
C LEU A 35 -26.77 4.65 0.49
N LEU A 36 -27.34 5.64 1.16
CA LEU A 36 -27.21 5.74 2.61
C LEU A 36 -27.86 4.54 3.30
N ALA A 37 -28.94 4.02 2.71
CA ALA A 37 -29.61 2.85 3.27
C ALA A 37 -28.72 1.62 3.16
N GLU A 38 -27.96 1.52 2.08
CA GLU A 38 -27.04 0.39 1.94
C GLU A 38 -25.90 0.50 2.95
N GLY A 39 -25.40 1.73 3.15
CA GLY A 39 -24.39 1.97 4.17
C GLY A 39 -24.91 1.51 5.52
N LYS A 40 -26.15 1.88 5.83
CA LYS A 40 -26.76 1.49 7.10
C LYS A 40 -26.91 -0.02 7.19
N ARG A 41 -27.35 -0.65 6.11
CA ARG A 41 -27.55 -2.09 6.12
C ARG A 41 -26.23 -2.82 6.40
N LEU A 42 -25.15 -2.34 5.81
CA LEU A 42 -23.81 -2.93 6.01
C LEU A 42 -23.31 -2.76 7.46
N ARG A 43 -23.42 -1.55 8.00
CA ARG A 43 -23.02 -1.35 9.39
C ARG A 43 -23.75 -2.33 10.31
N LEU A 44 -25.05 -2.47 10.11
CA LEU A 44 -25.87 -3.33 10.96
C LEU A 44 -25.46 -4.79 10.81
N ALA A 45 -25.23 -5.22 9.57
CA ALA A 45 -24.83 -6.60 9.29
C ALA A 45 -23.49 -6.92 9.93
N HIS A 46 -22.57 -5.97 9.90
CA HIS A 46 -21.23 -6.21 10.42
C HIS A 46 -21.18 -6.13 11.95
N TRP A 47 -21.98 -5.24 12.53
CA TRP A 47 -22.13 -5.24 13.98
C TRP A 47 -22.68 -6.59 14.45
N LYS A 48 -23.66 -7.12 13.72
CA LYS A 48 -24.25 -8.43 14.04
C LYS A 48 -23.24 -9.57 13.97
N ILE A 49 -22.43 -9.58 12.91
CA ILE A 49 -21.34 -10.54 12.81
C ILE A 49 -20.50 -10.52 14.07
N GLN A 50 -20.15 -9.32 14.51
CA GLN A 50 -19.26 -9.20 15.65
C GLN A 50 -19.95 -9.61 16.96
N LYS A 51 -21.19 -9.18 17.13
CA LYS A 51 -21.93 -9.57 18.34
C LYS A 51 -22.17 -11.08 18.37
N ASP A 52 -22.53 -11.66 17.23
CA ASP A 52 -22.80 -13.10 17.14
C ASP A 52 -21.55 -13.92 17.43
N ALA A 53 -20.39 -13.36 17.09
CA ALA A 53 -19.10 -14.00 17.35
C ALA A 53 -18.71 -13.95 18.83
N GLY A 54 -19.38 -13.11 19.60
CA GLY A 54 -19.11 -13.02 21.03
C GLY A 54 -18.16 -11.88 21.39
N VAL A 55 -17.90 -10.97 20.46
CA VAL A 55 -17.04 -9.81 20.75
C VAL A 55 -17.66 -8.89 21.79
N ASP A 56 -16.91 -8.53 22.83
CA ASP A 56 -17.43 -7.65 23.88
C ASP A 56 -17.39 -6.18 23.49
N ILE A 57 -16.29 -5.78 22.89
CA ILE A 57 -16.07 -4.38 22.54
C ILE A 57 -16.11 -4.25 21.03
N ILE A 58 -17.22 -3.73 20.52
CA ILE A 58 -17.52 -3.65 19.10
C ILE A 58 -17.36 -2.21 18.63
N PRO A 59 -16.58 -1.98 17.57
CA PRO A 59 -16.33 -0.61 17.13
C PRO A 59 -17.49 0.01 16.36
N SER A 60 -17.68 1.32 16.54
CA SER A 60 -18.50 2.08 15.61
C SER A 60 -17.66 3.28 15.15
N ASN A 61 -18.15 3.97 14.12
CA ASN A 61 -17.44 5.03 13.40
C ASN A 61 -16.25 4.50 12.60
N ASP A 62 -16.04 3.19 12.59
CA ASP A 62 -15.02 2.59 11.73
C ASP A 62 -15.49 2.51 10.27
N PHE A 63 -16.80 2.44 10.08
CA PHE A 63 -17.37 2.42 8.74
C PHE A 63 -17.09 3.75 8.04
N ALA A 64 -16.89 3.70 6.74
CA ALA A 64 -16.75 4.90 5.93
C ALA A 64 -17.23 4.62 4.50
N HIS A 65 -17.84 5.60 3.85
CA HIS A 65 -18.26 5.43 2.46
C HIS A 65 -17.07 5.55 1.53
N TYR A 66 -16.02 6.22 2.00
CA TYR A 66 -14.84 6.40 1.16
C TYR A 66 -13.53 6.29 1.95
N ASP A 67 -13.40 7.08 3.01
CA ASP A 67 -12.20 7.08 3.83
C ASP A 67 -12.55 7.65 5.21
N HIS A 68 -12.01 7.06 6.27
CA HIS A 68 -12.34 7.53 7.61
C HIS A 68 -11.62 8.84 7.96
N VAL A 69 -10.44 9.08 7.40
CA VAL A 69 -9.77 10.35 7.69
C VAL A 69 -10.58 11.45 7.01
N LEU A 70 -11.03 11.19 5.79
CA LEU A 70 -11.97 12.09 5.10
C LEU A 70 -13.21 12.37 5.94
N ASP A 71 -13.74 11.35 6.64
CA ASP A 71 -14.89 11.54 7.51
C ASP A 71 -14.57 12.57 8.58
N HIS A 72 -13.34 12.55 9.08
CA HIS A 72 -12.92 13.47 10.14
C HIS A 72 -12.74 14.88 9.60
N ILE A 73 -12.33 15.01 8.35
CA ILE A 73 -12.21 16.33 7.75
C ILE A 73 -13.57 17.00 7.74
N GLN A 74 -14.57 16.26 7.30
CA GLN A 74 -15.92 16.78 7.26
C GLN A 74 -16.47 17.01 8.68
N LEU A 75 -16.09 16.12 9.60
CA LEU A 75 -16.60 16.14 10.96
C LEU A 75 -16.18 17.41 11.72
N PHE A 76 -14.99 17.91 11.42
CA PHE A 76 -14.44 19.07 12.09
C PHE A 76 -14.55 20.32 11.23
N ASN A 77 -15.43 20.24 10.23
CA ASN A 77 -15.63 21.31 9.25
C ASN A 77 -14.32 21.88 8.71
N ALA A 78 -13.40 21.00 8.33
CA ALA A 78 -12.11 21.40 7.81
C ALA A 78 -12.10 21.37 6.28
N VAL A 79 -13.28 21.51 5.68
CA VAL A 79 -13.45 21.46 4.23
C VAL A 79 -13.02 22.76 3.54
N PRO A 80 -12.09 22.67 2.58
CA PRO A 80 -11.70 23.90 1.86
C PRO A 80 -12.86 24.57 1.11
N GLU A 81 -12.71 25.87 0.85
CA GLU A 81 -13.79 26.66 0.25
C GLU A 81 -14.23 26.14 -1.11
N ARG A 82 -13.27 25.68 -1.91
CA ARG A 82 -13.60 25.20 -3.24
C ARG A 82 -14.62 24.06 -3.23
N TYR A 83 -14.79 23.40 -2.09
CA TYR A 83 -15.82 22.35 -2.00
C TYR A 83 -17.11 22.87 -1.40
N THR A 84 -17.01 23.74 -0.41
CA THR A 84 -18.19 24.23 0.28
C THR A 84 -18.98 25.25 -0.55
N SER A 85 -18.32 25.91 -1.49
CA SER A 85 -18.99 26.93 -2.29
C SER A 85 -19.93 26.32 -3.34
N GLN A 86 -19.77 25.03 -3.60
CA GLN A 86 -20.61 24.36 -4.59
C GLN A 86 -22.00 24.03 -4.03
N LYS A 87 -22.19 24.29 -2.73
CA LYS A 87 -23.48 24.08 -2.09
C LYS A 87 -24.03 22.68 -2.31
N LEU A 88 -23.18 21.67 -2.17
CA LEU A 88 -23.59 20.28 -2.34
C LEU A 88 -24.18 19.71 -1.07
N SER A 89 -24.87 18.58 -1.18
CA SER A 89 -25.27 17.83 0.00
C SER A 89 -24.00 17.37 0.71
N PRO A 90 -24.09 17.13 2.02
CA PRO A 90 -22.92 16.63 2.77
C PRO A 90 -22.26 15.42 2.11
N LEU A 91 -23.07 14.50 1.61
CA LEU A 91 -22.54 13.31 0.96
C LEU A 91 -21.77 13.64 -0.32
N ASP A 92 -22.33 14.52 -1.14
CA ASP A 92 -21.71 14.84 -2.41
C ASP A 92 -20.45 15.66 -2.17
N GLU A 93 -20.51 16.49 -1.13
CA GLU A 93 -19.35 17.27 -0.71
C GLU A 93 -18.21 16.35 -0.25
N TYR A 94 -18.59 15.37 0.55
CA TYR A 94 -17.68 14.31 1.01
C TYR A 94 -17.01 13.64 -0.19
N PHE A 95 -17.83 13.13 -1.10
CA PHE A 95 -17.29 12.49 -2.30
C PHE A 95 -16.44 13.44 -3.14
N ALA A 96 -16.86 14.70 -3.23
CA ALA A 96 -16.10 15.71 -3.98
C ALA A 96 -14.65 15.77 -3.51
N MET A 97 -14.45 15.83 -2.20
CA MET A 97 -13.09 15.86 -1.65
C MET A 97 -12.29 14.58 -1.95
N GLY A 98 -12.98 13.45 -1.97
CA GLY A 98 -12.33 12.18 -2.19
C GLY A 98 -11.99 11.88 -3.64
N ARG A 99 -12.89 12.24 -4.56
CA ARG A 99 -12.68 11.90 -5.98
C ARG A 99 -12.86 13.05 -6.97
N GLY A 100 -13.41 14.19 -6.54
CA GLY A 100 -13.60 15.32 -7.43
C GLY A 100 -15.06 15.62 -7.72
N HIS A 101 -15.32 16.74 -8.39
CA HIS A 101 -16.70 17.14 -8.73
C HIS A 101 -16.77 18.16 -9.88
N GLN A 102 -17.93 18.24 -10.55
CA GLN A 102 -18.14 19.17 -11.66
C GLN A 102 -19.49 19.92 -11.60
N LYS A 103 -19.52 21.05 -10.87
CA LYS A 103 -20.73 21.85 -10.73
C LYS A 103 -20.65 23.18 -11.46
N GLY A 104 -21.77 23.67 -11.98
CA GLY A 104 -21.84 25.00 -12.57
C GLY A 104 -20.85 25.28 -13.68
N GLY A 105 -20.23 24.21 -14.20
CA GLY A 105 -19.17 24.33 -15.17
C GLY A 105 -17.82 23.97 -14.57
N VAL A 106 -17.64 24.29 -13.31
CA VAL A 106 -16.34 24.15 -12.64
C VAL A 106 -15.89 22.68 -12.52
N ASP A 107 -14.59 22.49 -12.32
CA ASP A 107 -13.99 21.17 -12.22
C ASP A 107 -13.10 21.08 -10.99
N VAL A 108 -13.67 20.61 -9.89
CA VAL A 108 -12.95 20.60 -8.62
C VAL A 108 -12.24 19.26 -8.39
N PRO A 109 -10.91 19.30 -8.28
CA PRO A 109 -10.09 18.10 -8.08
C PRO A 109 -10.24 17.56 -6.66
N ALA A 110 -9.79 16.32 -6.45
CA ALA A 110 -9.86 15.71 -5.13
C ALA A 110 -8.74 16.24 -4.26
N LEU A 111 -8.87 16.06 -2.95
CA LEU A 111 -7.76 16.24 -2.05
C LEU A 111 -6.73 15.15 -2.28
N GLU A 112 -5.49 15.42 -1.90
CA GLU A 112 -4.42 14.45 -2.01
C GLU A 112 -4.70 13.19 -1.18
N MET A 113 -4.48 12.02 -1.78
CA MET A 113 -4.54 10.79 -1.03
C MET A 113 -3.16 10.14 -1.03
N VAL A 114 -2.75 9.62 0.12
CA VAL A 114 -1.47 8.97 0.26
C VAL A 114 -1.67 7.70 1.07
N LYS A 115 -0.63 6.88 1.16
CA LYS A 115 -0.75 5.59 1.79
C LYS A 115 -0.82 5.74 3.31
N TRP A 116 -1.68 4.94 3.92
CA TRP A 116 -1.86 4.87 5.37
C TRP A 116 -0.73 4.06 5.99
N PHE A 117 0.26 4.76 6.53
CA PHE A 117 1.45 4.16 7.15
C PHE A 117 2.10 3.18 6.18
N ASP A 118 2.35 1.94 6.61
CA ASP A 118 3.00 0.99 5.71
C ASP A 118 2.00 0.01 5.10
N SER A 119 0.72 0.36 5.18
CA SER A 119 -0.33 -0.50 4.61
C SER A 119 -0.57 -0.18 3.14
N ASN A 120 -1.45 -0.95 2.50
CA ASN A 120 -1.83 -0.68 1.12
C ASN A 120 -3.11 0.15 1.05
N TYR A 121 -3.58 0.58 2.21
CA TYR A 121 -4.75 1.43 2.28
C TYR A 121 -4.34 2.89 2.08
N HIS A 122 -5.21 3.68 1.44
CA HIS A 122 -4.97 5.12 1.24
C HIS A 122 -5.97 6.01 1.95
N TYR A 123 -5.48 7.07 2.57
CA TYR A 123 -6.37 8.04 3.23
C TYR A 123 -6.25 9.39 2.57
N VAL A 124 -7.25 10.22 2.84
CA VAL A 124 -7.29 11.58 2.33
C VAL A 124 -6.66 12.51 3.35
N LYS A 125 -5.65 13.28 2.94
CA LYS A 125 -4.94 14.16 3.86
C LYS A 125 -5.76 15.41 4.21
N PRO A 126 -5.92 15.66 5.52
CA PRO A 126 -6.48 16.94 5.97
C PRO A 126 -5.70 18.08 5.33
N THR A 127 -6.41 18.99 4.68
CA THR A 127 -5.81 20.02 3.86
C THR A 127 -6.30 21.38 4.36
N LEU A 128 -5.40 22.12 4.99
CA LEU A 128 -5.79 23.16 5.94
C LEU A 128 -5.30 24.55 5.55
N GLN A 129 -6.08 25.57 5.89
CA GLN A 129 -5.74 26.96 5.59
C GLN A 129 -4.94 27.61 6.72
N ASP A 130 -4.22 28.68 6.41
CA ASP A 130 -3.53 29.47 7.42
C ASP A 130 -4.50 29.92 8.48
N ASN A 131 -5.67 30.35 8.04
CA ASN A 131 -6.67 30.89 8.95
C ASN A 131 -7.67 29.83 9.38
N GLN A 132 -7.28 28.56 9.28
CA GLN A 132 -8.17 27.45 9.63
C GLN A 132 -8.70 27.53 11.05
N THR A 133 -10.02 27.42 11.18
CA THR A 133 -10.63 27.09 12.46
C THR A 133 -11.47 25.83 12.30
N PHE A 134 -11.90 25.26 13.41
CA PHE A 134 -12.68 24.03 13.37
C PHE A 134 -13.98 24.16 14.14
N SER A 135 -15.00 23.42 13.72
CA SER A 135 -16.22 23.31 14.51
C SER A 135 -16.88 21.97 14.21
N LEU A 136 -17.73 21.49 15.11
CA LEU A 136 -18.35 20.18 14.94
C LEU A 136 -19.47 20.24 13.90
N ALA A 137 -19.44 19.32 12.94
CA ALA A 137 -20.47 19.26 11.91
C ALA A 137 -21.84 19.01 12.51
N LYS A 138 -22.87 19.45 11.80
CA LYS A 138 -24.23 19.10 12.18
C LYS A 138 -24.39 17.60 12.03
N ASP A 139 -25.11 16.99 12.96
CA ASP A 139 -25.35 15.55 12.93
C ASP A 139 -24.02 14.79 12.79
N PRO A 140 -23.13 14.92 13.79
CA PRO A 140 -21.79 14.34 13.66
C PRO A 140 -21.84 12.82 13.53
N LYS A 141 -21.08 12.30 12.57
CA LYS A 141 -21.11 10.89 12.19
C LYS A 141 -20.92 9.91 13.35
N PRO A 142 -19.89 10.12 14.20
CA PRO A 142 -19.71 9.17 15.31
C PRO A 142 -20.94 9.05 16.22
N VAL A 143 -21.60 10.17 16.46
CA VAL A 143 -22.77 10.19 17.34
C VAL A 143 -23.95 9.47 16.67
N ARG A 144 -24.20 9.86 15.43
CA ARG A 144 -25.18 9.25 14.54
C ARG A 144 -25.06 7.73 14.52
N GLU A 145 -23.84 7.25 14.31
CA GLU A 145 -23.64 5.83 14.11
C GLU A 145 -23.64 5.05 15.43
N PHE A 146 -23.15 5.68 16.49
CA PHE A 146 -23.26 5.08 17.81
C PHE A 146 -24.73 4.85 18.19
N LEU A 147 -25.58 5.85 17.90
CA LEU A 147 -26.99 5.79 18.26
C LEU A 147 -27.72 4.77 17.39
N GLU A 148 -27.31 4.71 16.13
CA GLU A 148 -27.78 3.70 15.20
C GLU A 148 -27.52 2.29 15.70
N ALA A 149 -26.28 2.01 16.10
CA ALA A 149 -25.94 0.72 16.67
C ALA A 149 -26.74 0.47 17.96
N LYS A 150 -26.79 1.49 18.80
CA LYS A 150 -27.49 1.38 20.08
C LYS A 150 -28.94 1.00 19.88
N GLU A 151 -29.59 1.67 18.93
CA GLU A 151 -31.00 1.39 18.63
C GLU A 151 -31.23 -0.03 18.11
N ALA A 152 -30.21 -0.61 17.48
CA ALA A 152 -30.35 -1.97 16.96
C ALA A 152 -29.92 -3.01 17.99
N GLY A 153 -29.61 -2.55 19.21
CA GLY A 153 -29.24 -3.47 20.28
C GLY A 153 -27.74 -3.70 20.45
N PHE A 154 -26.93 -2.91 19.77
CA PHE A 154 -25.47 -3.02 19.91
C PHE A 154 -24.86 -1.85 20.70
N GLN A 155 -24.31 -2.12 21.87
CA GLN A 155 -23.47 -1.14 22.54
C GLN A 155 -22.10 -1.20 21.85
N THR A 156 -21.62 -0.05 21.40
CA THR A 156 -20.33 -0.03 20.69
C THR A 156 -19.36 0.97 21.29
N ARG A 157 -18.10 0.87 20.85
CA ARG A 157 -17.06 1.81 21.25
C ARG A 157 -16.63 2.66 20.05
N PRO A 158 -16.98 3.95 20.06
CA PRO A 158 -16.61 4.81 18.93
C PRO A 158 -15.10 4.87 18.72
N VAL A 159 -14.70 4.90 17.46
CA VAL A 159 -13.31 5.08 17.07
C VAL A 159 -13.07 6.45 16.42
N LEU A 160 -12.16 7.20 17.01
CA LEU A 160 -11.75 8.49 16.45
C LEU A 160 -10.27 8.42 16.08
N VAL A 161 -9.89 9.11 15.02
CA VAL A 161 -8.49 9.45 14.82
C VAL A 161 -8.21 10.62 15.74
N GLY A 162 -7.17 10.52 16.57
CA GLY A 162 -6.90 11.56 17.56
C GLY A 162 -6.44 12.87 16.99
N PRO A 163 -6.51 13.95 17.79
CA PRO A 163 -6.22 15.29 17.29
C PRO A 163 -4.79 15.45 16.81
N VAL A 164 -3.83 14.81 17.47
CA VAL A 164 -2.43 14.99 17.09
C VAL A 164 -2.16 14.30 15.77
N SER A 165 -2.53 13.03 15.65
CA SER A 165 -2.37 12.31 14.38
C SER A 165 -3.14 12.99 13.25
N PHE A 166 -4.33 13.50 13.52
CA PHE A 166 -5.13 14.16 12.48
C PHE A 166 -4.36 15.31 11.85
N LEU A 167 -3.72 16.13 12.68
CA LEU A 167 -2.93 17.25 12.17
C LEU A 167 -1.60 16.78 11.64
N ALA A 168 -0.99 15.80 12.29
CA ALA A 168 0.32 15.30 11.85
C ALA A 168 0.22 14.66 10.47
N LEU A 169 -0.95 14.13 10.14
CA LEU A 169 -1.16 13.50 8.84
C LEU A 169 -1.68 14.49 7.82
N GLY A 170 -1.76 15.76 8.21
CA GLY A 170 -2.32 16.79 7.36
C GLY A 170 -1.27 17.63 6.65
N LYS A 171 -1.71 18.61 5.90
CA LYS A 171 -0.82 19.46 5.12
C LYS A 171 -1.45 20.83 4.95
N ALA A 172 -0.63 21.83 4.62
CA ALA A 172 -1.17 23.13 4.25
C ALA A 172 -1.80 23.06 2.86
N ASP A 173 -2.92 23.75 2.68
CA ASP A 173 -3.55 23.85 1.37
C ASP A 173 -2.71 24.72 0.45
N ARG A 174 -3.04 24.72 -0.84
CA ARG A 174 -2.36 25.63 -1.75
C ARG A 174 -2.77 27.05 -1.38
N GLY A 175 -1.79 27.94 -1.30
CA GLY A 175 -2.04 29.31 -0.92
C GLY A 175 -1.75 29.55 0.54
N SER A 176 -1.46 28.47 1.27
CA SER A 176 -1.19 28.55 2.70
C SER A 176 0.15 27.88 2.99
N SER A 177 0.70 28.17 4.16
CA SER A 177 1.99 27.61 4.54
C SER A 177 1.96 27.12 5.98
N VAL A 178 0.76 27.10 6.57
CA VAL A 178 0.61 26.70 7.97
C VAL A 178 1.19 25.31 8.22
N ASP A 179 1.93 25.17 9.30
CA ASP A 179 2.33 23.87 9.81
C ASP A 179 1.17 23.32 10.64
N PRO A 180 0.49 22.29 10.13
CA PRO A 180 -0.79 21.82 10.70
C PRO A 180 -0.80 21.64 12.23
N ILE A 181 0.27 21.12 12.81
CA ILE A 181 0.26 20.84 14.24
C ILE A 181 0.08 22.11 15.08
N THR A 182 0.42 23.27 14.50
CA THR A 182 0.27 24.55 15.21
C THR A 182 -1.19 24.95 15.35
N LEU A 183 -2.07 24.22 14.67
CA LEU A 183 -3.51 24.47 14.80
C LEU A 183 -4.13 23.70 15.96
N LEU A 184 -3.30 23.03 16.75
CA LEU A 184 -3.78 22.11 17.78
C LEU A 184 -4.81 22.78 18.70
N ASP A 185 -4.46 23.96 19.21
CA ASP A 185 -5.33 24.65 20.17
C ASP A 185 -6.70 24.98 19.63
N LYS A 186 -6.79 25.12 18.31
CA LYS A 186 -8.06 25.38 17.66
C LYS A 186 -8.89 24.12 17.44
N LEU A 187 -8.22 22.97 17.45
CA LEU A 187 -8.87 21.70 17.14
C LEU A 187 -9.30 20.96 18.41
N VAL A 188 -8.46 20.98 19.43
CA VAL A 188 -8.75 20.21 20.64
C VAL A 188 -10.15 20.49 21.25
N PRO A 189 -10.58 21.77 21.33
CA PRO A 189 -11.91 22.00 21.94
C PRO A 189 -13.04 21.29 21.20
N VAL A 190 -12.88 21.11 19.90
CA VAL A 190 -13.90 20.43 19.10
C VAL A 190 -13.92 18.91 19.41
N TYR A 191 -12.76 18.31 19.63
CA TYR A 191 -12.73 16.93 20.13
C TYR A 191 -13.44 16.82 21.47
N VAL A 192 -13.11 17.75 22.37
CA VAL A 192 -13.71 17.73 23.69
C VAL A 192 -15.25 17.82 23.56
N GLU A 193 -15.73 18.70 22.70
CA GLU A 193 -17.18 18.83 22.51
C GLU A 193 -17.77 17.54 21.94
N LEU A 194 -17.10 16.97 20.95
CA LEU A 194 -17.54 15.72 20.34
C LEU A 194 -17.60 14.60 21.38
N LEU A 195 -16.57 14.55 22.21
CA LEU A 195 -16.51 13.52 23.25
C LEU A 195 -17.62 13.70 24.27
N LYS A 196 -17.97 14.94 24.58
CA LYS A 196 -19.09 15.17 25.48
C LYS A 196 -20.39 14.68 24.85
N GLN A 197 -20.54 14.90 23.55
CA GLN A 197 -21.75 14.46 22.88
C GLN A 197 -21.86 12.94 22.82
N LEU A 198 -20.72 12.26 22.67
CA LEU A 198 -20.74 10.80 22.66
C LEU A 198 -21.09 10.25 24.04
N LYS A 199 -20.52 10.86 25.07
CA LYS A 199 -20.81 10.45 26.44
C LYS A 199 -22.31 10.63 26.72
N ALA A 200 -22.85 11.76 26.30
CA ALA A 200 -24.26 12.05 26.49
C ALA A 200 -25.15 11.07 25.73
N ALA A 201 -24.69 10.60 24.58
CA ALA A 201 -25.46 9.64 23.79
C ALA A 201 -25.45 8.25 24.41
N GLY A 202 -24.50 8.02 25.33
CA GLY A 202 -24.43 6.74 26.02
C GLY A 202 -23.12 5.98 25.87
N ALA A 203 -22.13 6.57 25.20
CA ALA A 203 -20.86 5.88 24.97
C ALA A 203 -20.03 5.88 26.25
N GLU A 204 -19.70 4.68 26.74
CA GLU A 204 -18.95 4.58 27.99
C GLU A 204 -17.45 4.74 27.78
N SER A 205 -17.00 4.36 26.59
CA SER A 205 -15.59 4.52 26.25
C SER A 205 -15.43 4.82 24.77
N VAL A 206 -14.26 5.30 24.42
CA VAL A 206 -13.93 5.62 23.04
CA VAL A 206 -13.92 5.61 23.04
CA VAL A 206 -13.91 5.64 23.05
C VAL A 206 -12.49 5.17 22.73
N GLN A 207 -12.26 4.70 21.52
CA GLN A 207 -10.94 4.34 21.05
C GLN A 207 -10.40 5.53 20.27
N ILE A 208 -9.28 6.10 20.74
CA ILE A 208 -8.71 7.23 20.04
C ILE A 208 -7.38 6.81 19.46
N ASP A 209 -7.32 6.72 18.15
CA ASP A 209 -6.12 6.26 17.46
C ASP A 209 -5.12 7.39 17.41
N GLU A 210 -3.94 7.17 17.97
CA GLU A 210 -2.83 8.06 17.72
C GLU A 210 -1.69 7.30 17.08
N PRO A 211 -1.89 6.83 15.84
CA PRO A 211 -0.89 5.96 15.21
C PRO A 211 0.47 6.63 14.95
N VAL A 212 0.55 7.95 14.88
CA VAL A 212 1.87 8.57 14.66
C VAL A 212 2.86 8.31 15.79
N LEU A 213 2.40 7.74 16.91
CA LEU A 213 3.32 7.33 17.99
C LEU A 213 4.31 6.26 17.56
N VAL A 214 4.06 5.57 16.45
CA VAL A 214 5.05 4.60 15.96
C VAL A 214 6.15 5.27 15.13
N PHE A 215 5.96 6.56 14.82
CA PHE A 215 6.95 7.33 14.08
C PHE A 215 8.08 7.84 14.98
N ASP A 216 9.19 8.24 14.36
CA ASP A 216 10.09 9.20 15.00
C ASP A 216 9.42 10.56 14.90
N LEU A 217 9.13 11.16 16.03
CA LEU A 217 8.30 12.36 16.05
C LEU A 217 9.11 13.66 16.04
N ARG A 218 8.69 14.60 15.19
CA ARG A 218 9.17 15.97 15.30
C ARG A 218 8.82 16.47 16.70
N PRO A 219 9.70 17.28 17.31
CA PRO A 219 9.46 17.79 18.67
C PRO A 219 8.16 18.58 18.80
N GLU A 220 7.74 19.28 17.75
CA GLU A 220 6.47 20.02 17.78
C GLU A 220 5.28 19.08 17.90
N VAL A 221 5.34 17.95 17.21
CA VAL A 221 4.26 16.98 17.25
C VAL A 221 4.28 16.26 18.59
N LYS A 222 5.47 15.89 19.04
CA LYS A 222 5.64 15.25 20.33
C LYS A 222 5.09 16.13 21.46
N ALA A 223 5.31 17.44 21.35
CA ALA A 223 4.87 18.39 22.38
C ALA A 223 3.35 18.57 22.40
N ALA A 224 2.66 18.08 21.37
CA ALA A 224 1.23 18.30 21.23
C ALA A 224 0.39 17.38 22.09
N PHE A 225 0.92 16.21 22.45
CA PHE A 225 0.11 15.21 23.13
C PHE A 225 -0.30 15.67 24.53
N LYS A 226 0.62 16.33 25.24
CA LYS A 226 0.31 16.76 26.59
C LYS A 226 -0.91 17.69 26.65
N PRO A 227 -0.88 18.84 25.93
CA PRO A 227 -2.08 19.68 26.02
C PRO A 227 -3.32 19.01 25.45
N ALA A 228 -3.19 18.22 24.39
CA ALA A 228 -4.38 17.59 23.81
C ALA A 228 -5.04 16.67 24.81
N TYR A 229 -4.25 15.82 25.45
CA TYR A 229 -4.87 14.81 26.29
C TYR A 229 -5.10 15.31 27.71
N GLU A 230 -4.41 16.38 28.10
CA GLU A 230 -4.79 17.07 29.35
C GLU A 230 -6.21 17.64 29.26
N ALA A 231 -6.54 18.21 28.10
CA ALA A 231 -7.87 18.79 27.91
C ALA A 231 -8.97 17.75 28.02
N ILE A 232 -8.71 16.58 27.44
CA ILE A 232 -9.67 15.49 27.49
C ILE A 232 -9.81 14.97 28.93
N ALA A 233 -8.70 14.75 29.62
CA ALA A 233 -8.78 14.30 31.01
C ALA A 233 -9.49 15.32 31.90
N ALA A 234 -9.25 16.61 31.66
CA ALA A 234 -9.84 17.66 32.50
C ALA A 234 -11.36 17.69 32.42
N ALA A 235 -11.92 17.11 31.36
CA ALA A 235 -13.38 17.09 31.21
C ALA A 235 -14.04 16.07 32.15
N GLY A 236 -13.24 15.24 32.80
CA GLY A 236 -13.75 14.31 33.79
C GLY A 236 -14.80 13.33 33.28
N ASP A 237 -15.88 13.16 34.05
CA ASP A 237 -16.94 12.21 33.70
C ASP A 237 -17.83 12.71 32.58
N ALA A 238 -17.60 13.94 32.11
CA ALA A 238 -18.39 14.49 31.01
C ALA A 238 -17.98 13.88 29.67
N VAL A 239 -16.85 13.18 29.63
CA VAL A 239 -16.43 12.49 28.40
C VAL A 239 -16.24 11.01 28.69
N PRO A 240 -16.20 10.17 27.63
CA PRO A 240 -16.01 8.74 27.88
C PRO A 240 -14.61 8.41 28.36
N LYS A 241 -14.42 7.20 28.89
CA LYS A 241 -13.11 6.64 29.10
C LYS A 241 -12.39 6.51 27.75
N VAL A 242 -11.08 6.74 27.75
CA VAL A 242 -10.33 6.79 26.50
C VAL A 242 -9.26 5.69 26.44
N VAL A 243 -9.31 4.89 25.39
CA VAL A 243 -8.23 3.96 25.11
C VAL A 243 -7.46 4.53 23.93
N VAL A 244 -6.19 4.88 24.17
CA VAL A 244 -5.32 5.37 23.11
C VAL A 244 -4.72 4.21 22.33
N ALA A 245 -4.88 4.20 21.01
CA ALA A 245 -4.47 3.05 20.21
C ALA A 245 -3.30 3.35 19.29
N THR A 246 -2.38 2.38 19.19
CA THR A 246 -1.22 2.44 18.30
C THR A 246 -1.09 1.11 17.58
N TYR A 247 -0.54 1.11 16.37
CA TYR A 247 -0.42 -0.15 15.64
C TYR A 247 0.61 -0.02 14.51
N PHE A 248 1.01 -1.16 13.96
CA PHE A 248 1.94 -1.26 12.81
C PHE A 248 3.39 -1.02 13.21
N GLY A 249 3.65 -0.87 14.50
CA GLY A 249 5.01 -0.67 14.96
C GLY A 249 5.02 -0.61 16.46
N ASP A 250 6.21 -0.56 17.05
CA ASP A 250 6.30 -0.44 18.50
C ASP A 250 6.32 1.03 18.88
N ILE A 251 6.11 1.31 20.16
CA ILE A 251 6.08 2.68 20.67
C ILE A 251 7.13 2.89 21.77
N VAL A 252 8.02 1.92 21.95
CA VAL A 252 8.96 1.94 23.08
C VAL A 252 10.00 3.06 22.96
N HIS A 253 10.14 3.62 21.77
CA HIS A 253 11.00 4.77 21.57
C HIS A 253 10.33 6.07 22.00
N ASN A 254 9.06 6.00 22.35
CA ASN A 254 8.31 7.20 22.71
C ASN A 254 7.75 7.14 24.13
N PHE A 255 8.46 6.46 25.02
CA PHE A 255 7.98 6.35 26.41
C PHE A 255 7.91 7.72 27.09
N ASP A 256 8.65 8.70 26.58
CA ASP A 256 8.58 10.07 27.10
C ASP A 256 7.28 10.80 26.67
N VAL A 257 6.53 10.21 25.76
CA VAL A 257 5.26 10.80 25.35
C VAL A 257 4.10 10.24 26.17
N LEU A 258 4.24 8.99 26.60
CA LEU A 258 3.19 8.31 27.38
C LEU A 258 2.64 9.03 28.61
N PRO A 259 3.46 9.83 29.35
CA PRO A 259 2.84 10.55 30.46
C PRO A 259 1.65 11.44 30.08
N ALA A 260 1.57 11.85 28.81
CA ALA A 260 0.43 12.64 28.36
C ALA A 260 -0.87 11.85 28.51
N PHE A 261 -0.77 10.52 28.52
CA PHE A 261 -1.93 9.67 28.57
C PHE A 261 -2.23 9.15 29.97
N SER A 262 -1.65 9.74 31.01
CA SER A 262 -1.85 9.19 32.35
C SER A 262 -3.29 9.29 32.81
N GLY A 263 -4.04 10.26 32.28
CA GLY A 263 -5.45 10.37 32.60
C GLY A 263 -6.35 9.59 31.66
N ALA A 264 -5.76 8.84 30.74
CA ALA A 264 -6.53 7.96 29.85
C ALA A 264 -6.71 6.58 30.48
N ALA A 265 -7.77 5.87 30.09
CA ALA A 265 -8.13 4.61 30.73
C ALA A 265 -7.29 3.43 30.25
N GLY A 266 -6.76 3.53 29.04
CA GLY A 266 -6.04 2.40 28.49
C GLY A 266 -5.18 2.72 27.30
N LEU A 267 -4.32 1.77 26.96
CA LEU A 267 -3.40 1.89 25.84
C LEU A 267 -3.46 0.62 25.03
N HIS A 268 -3.59 0.76 23.72
CA HIS A 268 -3.52 -0.38 22.80
C HIS A 268 -2.18 -0.43 22.07
N VAL A 269 -1.53 -1.59 22.09
CA VAL A 269 -0.31 -1.79 21.30
C VAL A 269 -0.44 -3.01 20.43
N ASP A 270 0.28 -2.96 19.31
CA ASP A 270 0.33 -4.01 18.30
C ASP A 270 1.37 -5.05 18.70
N LEU A 271 0.90 -6.17 19.24
CA LEU A 271 1.80 -7.23 19.65
C LEU A 271 1.97 -8.32 18.61
N VAL A 272 1.46 -8.08 17.41
CA VAL A 272 1.68 -9.01 16.29
C VAL A 272 2.94 -8.55 15.53
N ARG A 273 3.01 -7.28 15.21
CA ARG A 273 4.19 -6.70 14.59
C ARG A 273 5.38 -6.67 15.55
N ASN A 274 5.10 -6.34 16.81
CA ASN A 274 6.15 -6.21 17.81
C ASN A 274 5.78 -6.85 19.14
N PRO A 275 5.74 -8.18 19.18
CA PRO A 275 5.39 -8.86 20.43
C PRO A 275 6.38 -8.53 21.56
N GLU A 276 7.60 -8.19 21.19
CA GLU A 276 8.65 -7.99 22.21
C GLU A 276 8.45 -6.71 23.01
N GLN A 277 7.63 -5.78 22.51
CA GLN A 277 7.40 -4.54 23.25
C GLN A 277 6.47 -4.74 24.44
N LEU A 278 5.89 -5.93 24.59
CA LEU A 278 4.88 -6.14 25.63
C LEU A 278 5.37 -5.76 27.02
N GLU A 279 6.45 -6.39 27.47
CA GLU A 279 6.85 -6.22 28.86
C GLU A 279 7.45 -4.83 29.17
N PRO A 280 8.25 -4.26 28.26
CA PRO A 280 8.65 -2.86 28.49
C PRO A 280 7.44 -1.92 28.58
N VAL A 281 6.44 -2.13 27.75
CA VAL A 281 5.23 -1.31 27.84
C VAL A 281 4.48 -1.53 29.17
N LEU A 282 4.45 -2.76 29.65
CA LEU A 282 3.78 -3.04 30.93
C LEU A 282 4.34 -2.16 32.04
N LYS A 283 5.66 -1.96 32.01
CA LYS A 283 6.32 -1.17 33.05
C LYS A 283 5.94 0.31 33.00
N GLN A 284 5.38 0.75 31.87
CA GLN A 284 5.08 2.16 31.67
C GLN A 284 3.60 2.49 31.89
N LEU A 285 2.80 1.47 32.20
CA LEU A 285 1.37 1.69 32.42
C LEU A 285 1.11 2.30 33.80
N GLY A 286 0.13 3.19 33.85
CA GLY A 286 -0.36 3.70 35.12
C GLY A 286 -1.02 2.59 35.93
N PRO A 287 -1.10 2.78 37.27
CA PRO A 287 -1.62 1.84 38.27
C PRO A 287 -2.97 1.23 37.91
N ASN A 288 -3.84 2.01 37.28
CA ASN A 288 -5.18 1.52 36.94
C ASN A 288 -5.45 1.46 35.45
N GLN A 289 -4.43 1.63 34.62
CA GLN A 289 -4.63 1.64 33.18
C GLN A 289 -4.77 0.22 32.63
N ILE A 290 -5.54 0.11 31.56
CA ILE A 290 -5.85 -1.18 30.95
C ILE A 290 -4.94 -1.36 29.75
N LEU A 291 -4.42 -2.56 29.54
CA LEU A 291 -3.65 -2.84 28.34
C LEU A 291 -4.56 -3.56 27.32
N SER A 292 -4.76 -2.93 26.16
CA SER A 292 -5.44 -3.59 25.06
C SER A 292 -4.34 -4.30 24.25
N ALA A 293 -4.33 -5.62 24.36
CA ALA A 293 -3.24 -6.41 23.80
C ALA A 293 -3.62 -6.87 22.39
N GLY A 294 -3.05 -6.23 21.38
CA GLY A 294 -3.36 -6.54 20.00
C GLY A 294 -2.62 -7.78 19.52
N VAL A 295 -3.28 -8.94 19.62
CA VAL A 295 -2.62 -10.23 19.35
C VAL A 295 -3.24 -11.00 18.18
N VAL A 296 -4.34 -10.51 17.62
CA VAL A 296 -4.91 -11.13 16.42
C VAL A 296 -4.62 -10.23 15.20
N ASP A 297 -3.86 -10.77 14.26
CA ASP A 297 -3.31 -9.99 13.13
C ASP A 297 -4.36 -9.25 12.31
N GLY A 298 -4.23 -7.93 12.20
CA GLY A 298 -5.22 -7.16 11.44
C GLY A 298 -4.75 -6.91 10.00
N ARG A 299 -3.57 -7.43 9.67
CA ARG A 299 -2.93 -7.09 8.39
C ARG A 299 -2.67 -8.30 7.50
N ASN A 300 -3.03 -9.50 7.97
CA ASN A 300 -2.76 -10.70 7.17
C ASN A 300 -3.88 -11.71 7.36
N ILE A 301 -3.79 -12.84 6.68
CA ILE A 301 -4.95 -13.74 6.58
C ILE A 301 -4.75 -15.10 7.21
N TRP A 302 -3.79 -15.22 8.11
CA TRP A 302 -3.49 -16.51 8.73
C TRP A 302 -4.29 -16.71 10.00
N LYS A 303 -4.72 -17.94 10.21
CA LYS A 303 -5.33 -18.35 11.47
C LYS A 303 -4.40 -18.04 12.63
N ASN A 304 -4.95 -17.47 13.70
CA ASN A 304 -4.13 -17.12 14.85
C ASN A 304 -3.54 -18.36 15.51
N ASP A 305 -2.30 -18.25 15.96
CA ASP A 305 -1.69 -19.30 16.77
C ASP A 305 -2.17 -19.06 18.20
N PHE A 306 -3.24 -19.76 18.62
CA PHE A 306 -3.87 -19.49 19.92
C PHE A 306 -2.89 -19.68 21.07
N ALA A 307 -2.11 -20.76 21.02
CA ALA A 307 -1.20 -21.06 22.13
C ALA A 307 -0.19 -19.94 22.32
N LYS A 308 0.36 -19.44 21.21
CA LYS A 308 1.32 -18.35 21.27
C LYS A 308 0.68 -17.06 21.77
N SER A 309 -0.51 -16.75 21.28
CA SER A 309 -1.26 -15.58 21.77
C SER A 309 -1.58 -15.68 23.27
N LEU A 310 -1.93 -16.87 23.76
CA LEU A 310 -2.30 -16.99 25.18
C LEU A 310 -1.10 -16.82 26.11
N GLU A 311 0.07 -17.24 25.64
CA GLU A 311 1.28 -17.01 26.42
C GLU A 311 1.55 -15.50 26.59
N ILE A 312 1.36 -14.75 25.51
CA ILE A 312 1.46 -13.30 25.56
C ILE A 312 0.43 -12.70 26.51
N LEU A 313 -0.84 -13.10 26.36
CA LEU A 313 -1.91 -12.62 27.20
C LEU A 313 -1.70 -12.98 28.67
N GLN A 314 -1.21 -14.19 28.96
CA GLN A 314 -1.04 -14.57 30.37
C GLN A 314 0.09 -13.78 31.01
N THR A 315 1.09 -13.41 30.22
CA THR A 315 2.14 -12.53 30.73
C THR A 315 1.53 -11.20 31.18
N ALA A 316 0.66 -10.65 30.36
CA ALA A 316 -0.03 -9.40 30.70
C ALA A 316 -0.96 -9.56 31.91
N VAL A 317 -1.74 -10.63 31.95
CA VAL A 317 -2.66 -10.88 33.06
C VAL A 317 -1.88 -11.07 34.37
N LYS A 318 -0.75 -11.74 34.30
CA LYS A 318 0.08 -11.94 35.48
C LYS A 318 0.59 -10.60 36.04
N ALA A 319 0.98 -9.68 35.17
CA ALA A 319 1.46 -8.37 35.62
C ALA A 319 0.35 -7.44 36.06
N LEU A 320 -0.80 -7.49 35.38
CA LEU A 320 -1.82 -6.47 35.59
C LEU A 320 -3.10 -6.93 36.30
N GLY A 321 -3.33 -8.24 36.31
CA GLY A 321 -4.63 -8.75 36.71
C GLY A 321 -5.55 -8.83 35.50
N SER A 322 -6.48 -9.78 35.50
CA SER A 322 -7.29 -10.00 34.32
C SER A 322 -8.19 -8.80 33.99
N GLU A 323 -8.60 -8.03 34.99
CA GLU A 323 -9.49 -6.90 34.72
C GLU A 323 -8.78 -5.73 34.02
N ARG A 324 -7.47 -5.81 33.85
CA ARG A 324 -6.74 -4.73 33.20
C ARG A 324 -6.17 -5.18 31.86
N VAL A 325 -6.70 -6.28 31.32
CA VAL A 325 -6.27 -6.78 30.01
C VAL A 325 -7.46 -6.97 29.08
N ILE A 326 -7.31 -6.50 27.84
CA ILE A 326 -8.32 -6.68 26.79
C ILE A 326 -7.66 -7.44 25.64
N VAL A 327 -8.32 -8.47 25.11
CA VAL A 327 -7.81 -9.16 23.93
C VAL A 327 -8.31 -8.45 22.68
N ALA A 328 -7.40 -8.02 21.82
CA ALA A 328 -7.80 -7.16 20.71
C ALA A 328 -7.17 -7.58 19.40
N THR A 329 -7.74 -7.13 18.30
CA THR A 329 -7.07 -7.23 17.02
C THR A 329 -5.86 -6.29 17.08
N SER A 330 -4.78 -6.63 16.37
CA SER A 330 -3.56 -5.81 16.41
C SER A 330 -3.83 -4.43 15.81
N SER A 331 -4.66 -4.40 14.77
CA SER A 331 -5.07 -3.15 14.17
C SER A 331 -6.51 -3.31 13.73
N SER A 332 -7.04 -2.29 13.06
CA SER A 332 -8.32 -2.44 12.42
C SER A 332 -8.29 -3.59 11.44
N LEU A 333 -9.44 -4.23 11.24
CA LEU A 333 -9.51 -5.31 10.26
C LEU A 333 -9.87 -4.82 8.85
N ILE A 334 -9.89 -3.50 8.62
CA ILE A 334 -10.13 -3.04 7.23
C ILE A 334 -9.04 -3.52 6.28
N HIS A 335 -7.90 -3.95 6.82
CA HIS A 335 -6.81 -4.45 5.99
C HIS A 335 -6.93 -5.94 5.64
N THR A 336 -8.03 -6.58 6.04
CA THR A 336 -8.21 -8.01 5.75
C THR A 336 -9.50 -8.21 4.92
N PRO A 337 -9.59 -9.33 4.18
CA PRO A 337 -10.81 -9.69 3.43
C PRO A 337 -11.97 -9.99 4.36
N HIS A 338 -13.19 -10.02 3.83
CA HIS A 338 -14.38 -10.21 4.65
C HIS A 338 -14.44 -11.61 5.26
N THR A 339 -14.51 -12.64 4.43
CA THR A 339 -14.67 -13.98 4.99
C THR A 339 -14.07 -15.08 4.15
N LEU A 340 -13.47 -16.04 4.84
CA LEU A 340 -12.89 -17.21 4.21
C LEU A 340 -13.98 -18.06 3.54
N ALA A 341 -15.19 -17.98 4.07
CA ALA A 341 -16.29 -18.83 3.58
C ALA A 341 -16.66 -18.58 2.12
N SER A 342 -16.33 -17.40 1.60
CA SER A 342 -16.63 -17.08 0.20
C SER A 342 -15.71 -17.80 -0.77
N GLU A 343 -14.62 -18.36 -0.25
CA GLU A 343 -13.64 -19.05 -1.07
C GLU A 343 -14.01 -20.51 -1.28
N LYS A 344 -14.32 -20.89 -2.52
CA LYS A 344 -14.77 -22.27 -2.77
C LYS A 344 -13.80 -23.06 -3.62
N LYS A 345 -12.72 -22.43 -4.06
CA LYS A 345 -11.79 -23.11 -4.97
C LYS A 345 -10.37 -23.18 -4.44
N LEU A 346 -10.15 -22.87 -3.17
CA LEU A 346 -8.82 -22.99 -2.59
C LEU A 346 -8.45 -24.46 -2.46
N PRO A 347 -7.14 -24.77 -2.49
CA PRO A 347 -6.69 -26.13 -2.22
C PRO A 347 -7.14 -26.56 -0.83
N SER A 348 -7.68 -27.77 -0.71
CA SER A 348 -8.32 -28.21 0.52
C SER A 348 -7.41 -28.12 1.74
N ASP A 349 -6.10 -28.25 1.55
CA ASP A 349 -5.18 -28.25 2.69
C ASP A 349 -4.89 -26.85 3.27
N VAL A 350 -5.17 -25.79 2.52
CA VAL A 350 -4.82 -24.46 3.01
C VAL A 350 -5.95 -23.76 3.78
N TYR A 351 -7.21 -24.17 3.60
CA TYR A 351 -8.32 -23.59 4.36
C TYR A 351 -8.06 -23.51 5.85
N GLU A 352 -7.56 -24.60 6.41
CA GLU A 352 -7.43 -24.66 7.86
C GLU A 352 -6.30 -23.78 8.38
N TRP A 353 -5.54 -23.13 7.49
CA TRP A 353 -4.49 -22.20 7.89
C TRP A 353 -4.94 -20.75 7.85
N PHE A 354 -6.13 -20.50 7.30
CA PHE A 354 -6.59 -19.12 7.07
C PHE A 354 -7.65 -18.65 8.06
N SER A 355 -7.67 -17.33 8.26
CA SER A 355 -8.74 -16.60 8.95
C SER A 355 -8.87 -15.24 8.28
N PHE A 356 -10.04 -14.91 7.76
CA PHE A 356 -10.25 -13.56 7.25
C PHE A 356 -10.99 -12.83 8.36
N ALA A 357 -11.61 -11.68 8.07
CA ALA A 357 -12.11 -10.85 9.18
C ALA A 357 -13.24 -11.51 9.99
N VAL A 358 -14.17 -12.18 9.32
CA VAL A 358 -15.25 -12.83 10.06
C VAL A 358 -14.68 -13.88 11.01
N GLU A 359 -13.67 -14.60 10.54
CA GLU A 359 -12.98 -15.58 11.38
C GLU A 359 -12.14 -14.95 12.51
N LYS A 360 -11.53 -13.80 12.24
CA LYS A 360 -10.73 -13.11 13.28
C LYS A 360 -11.54 -12.54 14.43
N VAL A 361 -12.75 -12.07 14.17
CA VAL A 361 -13.52 -11.48 15.27
C VAL A 361 -13.96 -12.60 16.20
N LYS A 362 -14.15 -13.80 15.65
CA LYS A 362 -14.40 -14.99 16.45
C LYS A 362 -13.14 -15.35 17.26
N GLU A 363 -11.98 -15.27 16.63
CA GLU A 363 -10.71 -15.53 17.32
C GLU A 363 -10.49 -14.67 18.57
N VAL A 364 -10.78 -13.38 18.53
CA VAL A 364 -10.51 -12.57 19.73
C VAL A 364 -11.46 -13.00 20.86
N ALA A 365 -12.66 -13.42 20.51
CA ALA A 365 -13.62 -13.87 21.51
C ALA A 365 -13.20 -15.20 22.13
N THR A 366 -12.78 -16.14 21.29
CA THR A 366 -12.30 -17.43 21.76
C THR A 366 -11.10 -17.27 22.70
N LEU A 367 -10.15 -16.44 22.29
CA LEU A 367 -8.99 -16.12 23.13
C LEU A 367 -9.38 -15.52 24.46
N ALA A 368 -10.31 -14.58 24.45
CA ALA A 368 -10.68 -13.90 25.69
C ALA A 368 -11.29 -14.90 26.67
N LYS A 369 -12.12 -15.81 26.15
CA LYS A 369 -12.70 -16.87 26.98
C LYS A 369 -11.61 -17.81 27.49
N ALA A 370 -10.65 -18.12 26.63
CA ALA A 370 -9.59 -19.07 26.96
C ALA A 370 -8.62 -18.56 28.03
N VAL A 371 -8.51 -17.24 28.14
CA VAL A 371 -7.62 -16.64 29.14
C VAL A 371 -7.97 -17.11 30.55
N THR A 372 -9.26 -17.12 30.86
CA THR A 372 -9.70 -17.50 32.19
C THR A 372 -10.46 -18.84 32.26
N GLU A 373 -11.06 -19.28 31.15
CA GLU A 373 -11.80 -20.54 31.16
C GLU A 373 -11.46 -21.41 29.95
N PRO A 374 -10.20 -21.88 29.85
CA PRO A 374 -9.82 -22.63 28.65
C PRO A 374 -10.62 -23.94 28.47
N GLU A 375 -11.12 -24.52 29.56
CA GLU A 375 -11.92 -25.74 29.46
C GLU A 375 -13.19 -25.51 28.64
N ALA A 376 -13.71 -24.30 28.70
CA ALA A 376 -14.95 -23.97 27.98
C ALA A 376 -14.76 -24.03 26.46
N VAL A 377 -13.51 -23.93 26.01
CA VAL A 377 -13.21 -23.93 24.57
C VAL A 377 -12.07 -24.86 24.22
N LYS A 378 -11.93 -25.94 24.99
CA LYS A 378 -10.79 -26.83 24.81
C LYS A 378 -10.78 -27.46 23.42
N ALA A 379 -11.96 -27.81 22.90
CA ALA A 379 -12.05 -28.39 21.57
C ALA A 379 -11.56 -27.40 20.51
N GLU A 380 -11.88 -26.12 20.69
CA GLU A 380 -11.42 -25.10 19.77
C GLU A 380 -9.92 -24.85 19.92
N LEU A 381 -9.41 -24.93 21.15
CA LEU A 381 -7.98 -24.71 21.34
C LEU A 381 -7.20 -25.85 20.71
N GLU A 382 -7.70 -27.07 20.88
CA GLU A 382 -7.05 -28.23 20.29
C GLU A 382 -7.08 -28.16 18.77
N ALA A 383 -8.21 -27.76 18.21
CA ALA A 383 -8.33 -27.72 16.75
C ALA A 383 -7.33 -26.71 16.19
N ASN A 384 -7.18 -25.60 16.91
CA ASN A 384 -6.27 -24.55 16.50
C ASN A 384 -4.82 -25.02 16.50
N ALA A 385 -4.43 -25.72 17.56
CA ALA A 385 -3.08 -26.25 17.67
C ALA A 385 -2.78 -27.22 16.52
N ALA A 386 -3.76 -28.06 16.18
CA ALA A 386 -3.59 -29.02 15.09
C ALA A 386 -3.39 -28.30 13.75
N ALA A 387 -4.11 -27.20 13.55
CA ALA A 387 -4.01 -26.47 12.29
C ALA A 387 -2.63 -25.86 12.15
N ILE A 388 -2.13 -25.26 13.23
CA ILE A 388 -0.78 -24.69 13.23
C ILE A 388 0.26 -25.77 12.96
N LYS A 389 0.09 -26.93 13.59
CA LYS A 389 0.98 -28.07 13.35
C LYS A 389 0.93 -28.55 11.91
N ALA A 390 -0.27 -28.60 11.34
CA ALA A 390 -0.46 -28.99 9.94
C ALA A 390 0.32 -28.06 9.02
N ARG A 391 0.23 -26.75 9.29
CA ARG A 391 0.98 -25.75 8.53
C ARG A 391 2.49 -25.98 8.65
N THR A 392 2.95 -26.22 9.87
CA THR A 392 4.38 -26.44 10.11
C THR A 392 4.90 -27.67 9.37
N ASP A 393 4.06 -28.71 9.29
CA ASP A 393 4.50 -30.00 8.77
C ASP A 393 4.19 -30.19 7.29
N SER A 394 3.58 -29.19 6.67
CA SER A 394 3.16 -29.31 5.27
C SER A 394 4.33 -29.40 4.29
N LYS A 395 4.12 -30.14 3.21
CA LYS A 395 5.08 -30.20 2.11
C LYS A 395 5.32 -28.79 1.54
N ARG A 396 4.27 -27.98 1.52
CA ARG A 396 4.36 -26.62 0.98
C ARG A 396 5.42 -25.77 1.69
N THR A 397 5.58 -25.98 2.99
CA THR A 397 6.51 -25.17 3.78
C THR A 397 7.82 -25.89 4.07
N ASN A 398 8.05 -27.02 3.41
CA ASN A 398 9.26 -27.79 3.62
C ASN A 398 9.88 -28.29 2.31
N ASP A 399 9.98 -27.39 1.33
CA ASP A 399 10.55 -27.76 0.04
C ASP A 399 12.06 -27.92 0.17
N PRO A 400 12.56 -29.15 0.04
CA PRO A 400 14.00 -29.41 0.26
C PRO A 400 14.91 -28.75 -0.77
N ALA A 401 14.49 -28.73 -2.03
CA ALA A 401 15.30 -28.12 -3.10
C ALA A 401 15.48 -26.61 -2.86
N VAL A 402 14.40 -25.92 -2.54
CA VAL A 402 14.49 -24.48 -2.27
C VAL A 402 15.37 -24.24 -1.03
N LYS A 403 15.18 -25.05 0.00
CA LYS A 403 15.99 -24.92 1.21
C LYS A 403 17.49 -25.04 0.90
N GLU A 404 17.85 -26.04 0.08
CA GLU A 404 19.24 -26.24 -0.29
C GLU A 404 19.78 -25.12 -1.16
N ARG A 405 18.97 -24.63 -2.10
CA ARG A 405 19.42 -23.53 -2.95
C ARG A 405 19.72 -22.26 -2.13
N GLN A 406 18.84 -21.93 -1.21
CA GLN A 406 19.07 -20.76 -0.34
C GLN A 406 20.34 -20.93 0.46
N ALA A 407 20.54 -22.13 0.99
CA ALA A 407 21.68 -22.41 1.87
C ALA A 407 23.01 -22.15 1.17
N GLN A 408 23.01 -22.25 -0.15
CA GLN A 408 24.25 -22.14 -0.92
C GLN A 408 24.48 -20.76 -1.52
N VAL A 409 23.55 -19.83 -1.31
CA VAL A 409 23.72 -18.47 -1.80
C VAL A 409 24.91 -17.80 -1.12
N THR A 410 25.73 -17.12 -1.91
CA THR A 410 26.92 -16.44 -1.40
C THR A 410 26.81 -14.92 -1.56
N PRO A 411 27.59 -14.17 -0.76
CA PRO A 411 27.56 -12.71 -0.94
C PRO A 411 27.95 -12.28 -2.35
N GLU A 412 28.94 -12.92 -2.93
CA GLU A 412 29.44 -12.56 -4.25
C GLU A 412 28.37 -12.67 -5.35
N GLN A 413 27.40 -13.54 -5.15
CA GLN A 413 26.35 -13.73 -6.15
C GLN A 413 25.43 -12.51 -6.24
N HIS A 414 25.54 -11.60 -5.27
CA HIS A 414 24.73 -10.37 -5.26
C HIS A 414 25.31 -9.24 -6.13
N ASN A 415 26.52 -9.42 -6.62
CA ASN A 415 27.21 -8.33 -7.32
C ASN A 415 27.33 -8.56 -8.81
N ARG A 416 27.23 -7.49 -9.60
CA ARG A 416 27.49 -7.58 -11.04
C ARG A 416 28.95 -7.97 -11.25
N LYS A 417 29.25 -8.55 -12.43
CA LYS A 417 30.62 -8.94 -12.76
C LYS A 417 31.63 -7.79 -12.65
N ALA A 418 31.20 -6.58 -13.01
CA ALA A 418 32.06 -5.40 -13.01
C ALA A 418 31.28 -4.15 -12.65
N PRO A 419 31.95 -3.11 -12.10
CA PRO A 419 31.25 -1.86 -11.80
C PRO A 419 30.79 -1.15 -13.07
N PHE A 420 29.89 -0.18 -12.93
CA PHE A 420 29.29 0.51 -14.08
C PHE A 420 30.30 1.16 -15.03
N ASN A 421 31.38 1.72 -14.48
CA ASN A 421 32.45 2.29 -15.30
C ASN A 421 32.94 1.30 -16.33
N THR A 422 33.16 0.06 -15.89
CA THR A 422 33.58 -1.00 -16.78
C THR A 422 32.43 -1.46 -17.69
N ARG A 423 31.28 -1.74 -17.07
CA ARG A 423 30.08 -2.22 -17.79
C ARG A 423 29.66 -1.36 -18.93
N TYR A 424 29.57 -0.06 -18.66
CA TYR A 424 28.88 0.82 -19.59
C TYR A 424 29.53 0.82 -20.96
N ALA A 425 30.84 0.57 -20.98
CA ALA A 425 31.57 0.48 -22.24
C ALA A 425 30.97 -0.62 -23.11
N GLU A 426 30.81 -1.82 -22.54
CA GLU A 426 30.21 -2.93 -23.28
C GLU A 426 28.79 -2.60 -23.72
N GLN A 427 28.02 -1.95 -22.85
CA GLN A 427 26.62 -1.67 -23.11
C GLN A 427 26.36 -0.68 -24.26
N LYS A 428 27.15 0.39 -24.33
CA LYS A 428 26.90 1.42 -25.35
C LYS A 428 27.04 0.85 -26.76
N LYS A 429 28.04 -0.01 -26.96
CA LYS A 429 28.21 -0.72 -28.22
C LYS A 429 27.02 -1.64 -28.52
N HIS A 430 26.83 -2.60 -27.61
CA HIS A 430 25.83 -3.65 -27.76
C HIS A 430 24.46 -3.07 -28.11
N LEU A 431 24.09 -2.00 -27.42
CA LEU A 431 22.78 -1.39 -27.57
C LEU A 431 22.76 -0.35 -28.69
N SER A 432 23.95 0.07 -29.10
CA SER A 432 24.14 1.13 -30.09
C SER A 432 23.28 2.35 -29.78
N LEU A 433 23.42 2.87 -28.57
CA LEU A 433 22.58 3.97 -28.15
C LEU A 433 23.19 5.31 -28.54
N PRO A 434 22.36 6.20 -29.08
CA PRO A 434 22.75 7.59 -29.31
C PRO A 434 22.72 8.36 -27.99
N LEU A 435 23.23 9.59 -28.01
CA LEU A 435 22.99 10.51 -26.92
C LEU A 435 21.49 10.73 -26.80
N PHE A 436 21.02 10.99 -25.56
CA PHE A 436 19.59 11.14 -25.29
C PHE A 436 18.73 10.01 -25.90
N PRO A 437 19.00 8.76 -25.51
CA PRO A 437 18.20 7.65 -26.02
C PRO A 437 16.76 7.72 -25.55
N THR A 438 15.83 7.29 -26.40
CA THR A 438 14.41 7.37 -26.12
C THR A 438 13.86 5.98 -25.83
N THR A 439 12.93 5.89 -24.89
CA THR A 439 12.28 4.64 -24.59
C THR A 439 10.95 4.91 -23.91
N THR A 440 10.20 3.86 -23.62
CA THR A 440 9.01 4.01 -22.79
C THR A 440 9.13 3.06 -21.61
N ILE A 441 8.22 3.23 -20.66
CA ILE A 441 8.35 2.62 -19.35
C ILE A 441 7.89 1.17 -19.36
N GLY A 442 6.86 0.86 -20.12
CA GLY A 442 6.46 -0.53 -20.25
C GLY A 442 5.14 -0.83 -20.95
N SER A 443 4.02 -0.56 -20.27
CA SER A 443 2.73 -0.93 -20.84
C SER A 443 2.31 0.01 -21.95
N PHE A 444 1.55 -0.54 -22.89
CA PHE A 444 0.96 0.23 -23.98
C PHE A 444 -0.56 0.26 -23.79
N PRO A 445 -1.28 1.13 -24.52
CA PRO A 445 -2.73 1.25 -24.31
C PRO A 445 -3.49 -0.07 -24.15
N GLN A 446 -4.24 -0.17 -23.05
CA GLN A 446 -5.16 -1.28 -22.87
C GLN A 446 -6.49 -0.92 -23.51
N THR A 447 -6.77 -1.57 -24.63
CA THR A 447 -7.99 -1.33 -25.37
C THR A 447 -9.05 -2.32 -24.94
N SER A 448 -10.30 -2.02 -25.26
CA SER A 448 -11.41 -2.94 -25.04
C SER A 448 -11.10 -4.36 -25.56
N GLU A 449 -10.62 -4.45 -26.79
CA GLU A 449 -10.33 -5.77 -27.37
C GLU A 449 -9.25 -6.53 -26.57
N ILE A 450 -8.25 -5.81 -26.07
CA ILE A 450 -7.22 -6.47 -25.28
C ILE A 450 -7.82 -7.08 -24.01
N ARG A 451 -8.71 -6.34 -23.36
CA ARG A 451 -9.34 -6.83 -22.13
C ARG A 451 -10.26 -8.00 -22.42
N VAL A 452 -11.07 -7.84 -23.46
CA VAL A 452 -12.04 -8.87 -23.87
C VAL A 452 -11.36 -10.19 -24.18
N GLN A 453 -10.33 -10.14 -25.02
CA GLN A 453 -9.61 -11.34 -25.40
C GLN A 453 -8.97 -12.01 -24.19
N ARG A 454 -8.36 -11.22 -23.32
CA ARG A 454 -7.75 -11.75 -22.10
C ARG A 454 -8.82 -12.45 -21.25
N ASN A 455 -9.97 -11.81 -21.12
CA ASN A 455 -11.09 -12.38 -20.37
C ASN A 455 -11.58 -13.70 -20.97
N LYS A 456 -11.67 -13.76 -22.29
CA LYS A 456 -12.13 -14.98 -22.95
C LYS A 456 -11.16 -16.13 -22.73
N PHE A 457 -9.87 -15.84 -22.74
CA PHE A 457 -8.88 -16.90 -22.59
C PHE A 457 -8.88 -17.45 -21.17
N THR A 458 -8.87 -16.55 -20.19
CA THR A 458 -8.84 -16.96 -18.78
C THR A 458 -10.13 -17.65 -18.37
N LYS A 459 -11.21 -17.39 -19.10
CA LYS A 459 -12.49 -18.05 -18.86
C LYS A 459 -12.65 -19.29 -19.73
N GLY A 460 -11.68 -19.53 -20.61
CA GLY A 460 -11.68 -20.73 -21.43
C GLY A 460 -12.57 -20.70 -22.66
N GLU A 461 -12.98 -19.51 -23.10
CA GLU A 461 -13.82 -19.38 -24.29
C GLU A 461 -13.03 -19.50 -25.60
N ILE A 462 -11.80 -18.98 -25.61
CA ILE A 462 -10.91 -19.16 -26.74
C ILE A 462 -9.77 -20.10 -26.34
N SER A 463 -9.19 -20.77 -27.33
CA SER A 463 -8.08 -21.68 -27.07
C SER A 463 -6.81 -20.93 -26.72
N ALA A 464 -5.85 -21.64 -26.15
CA ALA A 464 -4.52 -21.09 -25.94
C ALA A 464 -3.89 -20.65 -27.25
N GLU A 465 -4.09 -21.45 -28.30
CA GLU A 465 -3.47 -21.15 -29.60
C GLU A 465 -4.03 -19.88 -30.19
N GLU A 466 -5.35 -19.70 -30.10
CA GLU A 466 -6.00 -18.51 -30.64
C GLU A 466 -5.57 -17.24 -29.87
N TYR A 467 -5.47 -17.36 -28.56
CA TYR A 467 -5.05 -16.22 -27.72
C TYR A 467 -3.60 -15.87 -27.98
N GLU A 468 -2.76 -16.90 -28.06
CA GLU A 468 -1.35 -16.71 -28.34
C GLU A 468 -1.16 -15.96 -29.67
N ARG A 469 -1.94 -16.31 -30.67
CA ARG A 469 -1.87 -15.60 -31.95
C ARG A 469 -2.32 -14.14 -31.82
N PHE A 470 -3.37 -13.89 -31.03
CA PHE A 470 -3.82 -12.53 -30.77
C PHE A 470 -2.71 -11.69 -30.11
N ILE A 471 -2.03 -12.28 -29.14
CA ILE A 471 -0.95 -11.61 -28.43
C ILE A 471 0.23 -11.31 -29.37
N GLU A 472 0.54 -12.26 -30.24
CA GLU A 472 1.54 -12.01 -31.26
C GLU A 472 1.19 -10.79 -32.10
N LYS A 473 -0.06 -10.70 -32.55
CA LYS A 473 -0.44 -9.59 -33.43
C LYS A 473 -0.41 -8.26 -32.68
N GLU A 474 -0.73 -8.29 -31.39
CA GLU A 474 -0.63 -7.12 -30.55
C GLU A 474 0.81 -6.64 -30.41
N ILE A 475 1.72 -7.60 -30.21
CA ILE A 475 3.14 -7.27 -30.11
C ILE A 475 3.65 -6.76 -31.46
N GLU A 476 3.19 -7.35 -32.57
CA GLU A 476 3.62 -6.89 -33.89
C GLU A 476 3.19 -5.45 -34.11
N LEU A 477 1.97 -5.15 -33.71
CA LEU A 477 1.45 -3.79 -33.79
C LEU A 477 2.30 -2.81 -32.97
N ALA A 478 2.61 -3.19 -31.73
CA ALA A 478 3.44 -2.33 -30.88
C ALA A 478 4.78 -2.04 -31.53
N VAL A 479 5.40 -3.08 -32.09
CA VAL A 479 6.70 -2.93 -32.73
C VAL A 479 6.60 -2.08 -33.98
N LYS A 480 5.55 -2.26 -34.77
CA LYS A 480 5.35 -1.47 -35.97
C LYS A 480 5.22 0.01 -35.59
N ILE A 481 4.42 0.29 -34.58
CA ILE A 481 4.25 1.67 -34.13
C ILE A 481 5.55 2.26 -33.59
N GLN A 482 6.32 1.47 -32.84
CA GLN A 482 7.60 1.97 -32.34
C GLN A 482 8.60 2.19 -33.47
N ASP A 483 8.50 1.37 -34.51
CA ASP A 483 9.29 1.59 -35.73
C ASP A 483 9.00 2.97 -36.30
N GLU A 484 7.71 3.31 -36.39
CA GLU A 484 7.31 4.55 -37.02
C GLU A 484 7.68 5.73 -36.14
N LEU A 485 7.77 5.50 -34.83
CA LEU A 485 8.16 6.55 -33.91
C LEU A 485 9.67 6.79 -33.86
N ASP A 486 10.44 5.80 -34.27
CA ASP A 486 11.91 5.85 -34.20
C ASP A 486 12.42 5.92 -32.75
N LEU A 487 11.79 5.15 -31.86
CA LEU A 487 12.28 5.00 -30.50
C LEU A 487 13.59 4.21 -30.50
N ASP A 488 14.42 4.35 -29.47
CA ASP A 488 15.71 3.68 -29.44
C ASP A 488 15.73 2.35 -28.70
N VAL A 489 14.85 2.21 -27.71
CA VAL A 489 14.68 0.96 -26.97
C VAL A 489 13.20 0.67 -26.87
N TYR A 490 12.81 -0.53 -27.29
CA TYR A 490 11.42 -0.91 -27.41
C TYR A 490 10.89 -1.65 -26.19
N VAL A 491 9.56 -1.75 -26.11
CA VAL A 491 8.87 -2.60 -25.15
C VAL A 491 7.85 -3.43 -25.94
N HIS A 492 7.33 -4.52 -25.38
CA HIS A 492 6.34 -5.30 -26.13
C HIS A 492 4.90 -4.87 -25.81
N GLY A 493 4.74 -4.10 -24.73
CA GLY A 493 3.50 -3.42 -24.41
C GLY A 493 2.65 -4.13 -23.36
N GLU A 494 3.10 -5.33 -23.00
CA GLU A 494 2.42 -6.18 -22.01
C GLU A 494 0.92 -6.40 -22.26
N PRO A 495 0.53 -6.69 -23.50
CA PRO A 495 -0.91 -6.96 -23.74
C PRO A 495 -1.39 -8.21 -23.00
N GLU A 496 -0.46 -9.09 -22.65
CA GLU A 496 -0.82 -10.35 -22.03
C GLU A 496 -0.97 -10.27 -20.51
N ARG A 497 -0.66 -9.10 -19.93
CA ARG A 497 -0.64 -8.97 -18.47
C ARG A 497 -1.74 -8.05 -17.98
N ASN A 498 -2.29 -8.33 -16.79
CA ASN A 498 -3.32 -7.44 -16.26
C ASN A 498 -2.91 -6.78 -14.96
N ASP A 499 -1.96 -7.40 -14.24
CA ASP A 499 -1.55 -6.94 -12.92
C ASP A 499 -0.14 -7.41 -12.64
N MET A 500 0.74 -6.51 -12.21
CA MET A 500 2.16 -6.81 -12.17
C MET A 500 2.61 -7.71 -11.02
N VAL A 501 1.71 -8.08 -10.12
CA VAL A 501 2.04 -9.10 -9.12
C VAL A 501 1.27 -10.41 -9.35
N GLN A 502 0.00 -10.29 -9.72
CA GLN A 502 -0.81 -11.47 -9.97
C GLN A 502 -0.23 -12.28 -11.13
N TYR A 503 0.28 -11.58 -12.14
CA TYR A 503 0.82 -12.24 -13.33
C TYR A 503 1.96 -13.17 -12.93
N PHE A 504 2.78 -12.72 -12.00
CA PHE A 504 3.91 -13.52 -11.54
C PHE A 504 3.53 -14.56 -10.52
N GLY A 505 2.64 -14.20 -9.60
CA GLY A 505 2.13 -15.16 -8.63
C GLY A 505 1.55 -16.40 -9.31
N GLU A 506 0.83 -16.20 -10.41
CA GLU A 506 0.23 -17.33 -11.14
C GLU A 506 1.27 -18.26 -11.76
N ARG A 507 2.48 -17.75 -11.94
CA ARG A 507 3.52 -18.50 -12.62
C ARG A 507 4.66 -18.92 -11.68
N LEU A 508 4.36 -18.89 -10.38
CA LEU A 508 5.30 -19.32 -9.33
C LEU A 508 4.68 -20.40 -8.44
N ASN A 509 5.50 -21.35 -8.02
CA ASN A 509 5.12 -22.25 -6.94
C ASN A 509 5.06 -21.47 -5.64
N GLY A 510 4.15 -21.83 -4.75
CA GLY A 510 4.12 -21.24 -3.41
C GLY A 510 2.98 -20.24 -3.20
N TYR A 511 2.23 -19.96 -4.26
CA TYR A 511 1.12 -19.02 -4.20
C TYR A 511 -0.22 -19.71 -4.34
N VAL A 512 -1.26 -19.12 -3.73
CA VAL A 512 -2.63 -19.48 -4.06
C VAL A 512 -3.42 -18.21 -4.35
N PHE A 513 -4.52 -18.35 -5.06
CA PHE A 513 -5.32 -17.20 -5.42
C PHE A 513 -6.74 -17.36 -4.92
N THR A 514 -7.33 -16.26 -4.53
CA THR A 514 -8.70 -16.27 -4.05
C THR A 514 -9.59 -15.73 -5.15
N THR A 515 -10.89 -15.87 -4.96
CA THR A 515 -11.85 -15.29 -5.89
C THR A 515 -12.57 -14.11 -5.28
N HIS A 516 -12.65 -14.07 -3.94
CA HIS A 516 -13.47 -13.07 -3.26
C HIS A 516 -12.77 -12.28 -2.16
N ALA A 517 -11.48 -12.52 -1.97
CA ALA A 517 -10.79 -11.93 -0.81
C ALA A 517 -10.29 -10.51 -1.12
N TRP A 518 -11.24 -9.61 -1.31
CA TRP A 518 -10.98 -8.22 -1.66
C TRP A 518 -10.67 -7.38 -0.43
N VAL A 519 -9.76 -6.42 -0.58
CA VAL A 519 -9.40 -5.50 0.50
C VAL A 519 -9.48 -4.07 -0.05
N GLN A 520 -10.09 -3.17 0.70
CA GLN A 520 -10.20 -1.79 0.26
C GLN A 520 -8.81 -1.18 0.14
N SER A 521 -8.58 -0.45 -0.93
CA SER A 521 -7.26 0.15 -1.15
C SER A 521 -7.31 1.66 -1.27
N TYR A 522 -8.25 2.12 -2.09
CA TYR A 522 -8.24 3.50 -2.56
C TYR A 522 -9.68 3.87 -2.87
N GLY A 523 -10.36 4.50 -1.92
CA GLY A 523 -11.77 4.77 -2.09
C GLY A 523 -12.54 3.47 -2.24
N SER A 524 -13.28 3.31 -3.33
CA SER A 524 -13.97 2.05 -3.57
C SER A 524 -13.19 1.16 -4.52
N ARG A 525 -11.95 1.53 -4.82
CA ARG A 525 -11.05 0.61 -5.50
C ARG A 525 -10.53 -0.40 -4.51
N CYS A 526 -10.72 -1.68 -4.82
CA CYS A 526 -10.19 -2.74 -3.95
C CYS A 526 -9.13 -3.54 -4.66
N VAL A 527 -8.37 -4.29 -3.88
CA VAL A 527 -7.40 -5.24 -4.43
C VAL A 527 -7.65 -6.64 -3.91
N ARG A 528 -7.24 -7.63 -4.68
CA ARG A 528 -7.39 -9.02 -4.28
C ARG A 528 -6.01 -9.64 -4.30
N PRO A 529 -5.24 -9.44 -3.22
CA PRO A 529 -3.84 -9.88 -3.23
C PRO A 529 -3.70 -11.40 -3.34
N PRO A 530 -2.67 -11.87 -4.06
CA PRO A 530 -2.30 -13.29 -4.02
C PRO A 530 -1.86 -13.64 -2.61
N ILE A 531 -1.89 -14.93 -2.26
CA ILE A 531 -1.40 -15.34 -0.96
C ILE A 531 -0.19 -16.25 -1.10
N ILE A 532 0.89 -15.93 -0.41
CA ILE A 532 2.02 -16.84 -0.36
C ILE A 532 1.77 -17.88 0.72
N VAL A 533 1.71 -19.16 0.35
CA VAL A 533 1.41 -20.21 1.33
C VAL A 533 2.60 -21.11 1.60
N GLY A 534 3.55 -21.13 0.68
CA GLY A 534 4.69 -22.01 0.80
C GLY A 534 5.98 -21.48 0.20
N ASP A 535 7.00 -22.33 0.22
CA ASP A 535 8.28 -22.02 -0.40
C ASP A 535 8.09 -21.72 -1.89
N ILE A 536 8.79 -20.70 -2.35
CA ILE A 536 8.60 -20.17 -3.70
C ILE A 536 9.71 -20.65 -4.64
N SER A 537 9.30 -21.11 -5.82
CA SER A 537 10.23 -21.42 -6.88
C SER A 537 9.53 -21.19 -8.22
N ARG A 538 10.34 -21.15 -9.29
CA ARG A 538 9.82 -20.93 -10.64
C ARG A 538 9.87 -22.24 -11.44
N PRO A 539 8.70 -22.81 -11.76
CA PRO A 539 8.67 -24.09 -12.46
C PRO A 539 8.96 -24.00 -13.96
N ALA A 540 8.70 -22.84 -14.55
CA ALA A 540 8.87 -22.67 -16.00
C ALA A 540 9.10 -21.20 -16.32
N PRO A 541 9.58 -20.88 -17.54
CA PRO A 541 9.73 -19.46 -17.90
C PRO A 541 8.41 -18.70 -17.77
N MET A 542 8.46 -17.51 -17.17
CA MET A 542 7.25 -16.76 -16.88
C MET A 542 6.91 -15.70 -17.93
N THR A 543 7.92 -15.01 -18.46
CA THR A 543 7.64 -13.90 -19.38
C THR A 543 8.38 -14.08 -20.71
N VAL A 544 9.12 -15.17 -20.83
CA VAL A 544 10.06 -15.33 -21.93
C VAL A 544 9.35 -15.44 -23.28
N LYS A 545 8.21 -16.13 -23.32
CA LYS A 545 7.52 -16.38 -24.58
C LYS A 545 7.22 -15.09 -25.36
N GLU A 546 6.62 -14.11 -24.69
CA GLU A 546 6.28 -12.87 -25.36
C GLU A 546 7.52 -12.00 -25.63
N SER A 547 8.47 -11.97 -24.70
CA SER A 547 9.65 -11.12 -24.90
C SER A 547 10.53 -11.66 -26.03
N LYS A 548 10.65 -12.98 -26.07
CA LYS A 548 11.39 -13.69 -27.12
C LYS A 548 10.78 -13.40 -28.50
N TYR A 549 9.45 -13.49 -28.57
CA TYR A 549 8.79 -13.17 -29.81
C TYR A 549 9.01 -11.70 -30.20
N ALA A 550 8.85 -10.81 -29.22
CA ALA A 550 9.07 -9.38 -29.46
C ALA A 550 10.48 -9.09 -30.00
N ALA A 551 11.49 -9.71 -29.39
CA ALA A 551 12.87 -9.50 -29.85
C ALA A 551 13.11 -10.09 -31.24
N SER A 552 12.37 -11.14 -31.58
CA SER A 552 12.54 -11.80 -32.88
C SER A 552 12.10 -10.90 -34.04
N ILE A 553 11.30 -9.88 -33.75
CA ILE A 553 10.83 -8.99 -34.81
C ILE A 553 11.25 -7.55 -34.57
N SER A 554 12.17 -7.35 -33.63
CA SER A 554 12.54 -6.00 -33.22
C SER A 554 13.87 -5.54 -33.80
N LYS A 555 13.88 -4.38 -34.46
CA LYS A 555 15.12 -3.83 -35.01
C LYS A 555 15.91 -3.05 -33.96
N LYS A 556 15.30 -2.84 -32.81
CA LYS A 556 15.92 -2.12 -31.70
C LYS A 556 16.01 -3.05 -30.51
N PRO A 557 16.86 -2.72 -29.51
CA PRO A 557 16.87 -3.51 -28.29
C PRO A 557 15.47 -3.56 -27.67
N MET A 558 15.11 -4.69 -27.09
CA MET A 558 13.78 -4.90 -26.57
C MET A 558 13.86 -5.08 -25.05
N LYS A 559 13.06 -4.32 -24.31
CA LYS A 559 13.02 -4.44 -22.85
C LYS A 559 12.30 -5.67 -22.35
N GLY A 560 12.97 -6.44 -21.51
CA GLY A 560 12.28 -7.41 -20.66
C GLY A 560 11.66 -6.66 -19.50
N MET A 561 10.58 -7.19 -18.96
CA MET A 561 9.78 -6.46 -17.98
C MET A 561 9.37 -7.35 -16.83
N LEU A 562 9.93 -7.08 -15.64
CA LEU A 562 9.67 -7.89 -14.47
C LEU A 562 9.31 -7.05 -13.25
N THR A 563 8.56 -7.67 -12.34
CA THR A 563 8.31 -7.10 -11.01
C THR A 563 9.33 -7.69 -10.04
N GLY A 564 9.92 -6.84 -9.22
CA GLY A 564 10.97 -7.28 -8.30
C GLY A 564 10.47 -8.14 -7.15
N PRO A 565 11.41 -8.81 -6.46
CA PRO A 565 11.06 -9.73 -5.37
C PRO A 565 10.42 -9.01 -4.16
N VAL A 566 10.82 -7.79 -3.87
CA VAL A 566 10.24 -7.09 -2.72
C VAL A 566 8.77 -6.81 -2.96
N THR A 567 8.44 -6.45 -4.19
CA THR A 567 7.06 -6.15 -4.55
C THR A 567 6.20 -7.40 -4.70
N CYS A 568 6.74 -8.45 -5.33
CA CYS A 568 6.01 -9.72 -5.35
C CYS A 568 5.65 -10.19 -3.95
N LEU A 569 6.50 -9.84 -2.98
CA LEU A 569 6.29 -10.21 -1.59
C LEU A 569 5.28 -9.29 -0.92
N ARG A 570 5.53 -7.99 -0.98
CA ARG A 570 4.73 -7.04 -0.19
C ARG A 570 3.33 -6.79 -0.73
N TRP A 571 3.12 -7.01 -2.03
CA TRP A 571 1.79 -6.83 -2.61
C TRP A 571 1.05 -8.16 -2.65
N SER A 572 1.61 -9.16 -1.98
CA SER A 572 0.88 -10.38 -1.67
C SER A 572 0.60 -10.41 -0.17
N PHE A 573 -0.24 -11.33 0.26
CA PHE A 573 -0.27 -11.65 1.70
C PHE A 573 0.91 -12.58 1.97
N PRO A 574 1.89 -12.11 2.73
CA PRO A 574 3.06 -12.96 2.96
C PRO A 574 2.79 -14.06 3.99
N ARG A 575 3.64 -15.09 4.00
CA ARG A 575 3.63 -16.06 5.08
C ARG A 575 3.98 -15.37 6.41
N VAL A 576 3.57 -15.95 7.53
CA VAL A 576 3.98 -15.45 8.84
C VAL A 576 4.78 -16.50 9.60
N ASP A 577 4.95 -17.67 9.00
CA ASP A 577 5.64 -18.76 9.70
C ASP A 577 7.14 -18.66 9.56
N VAL A 578 7.61 -17.99 8.51
CA VAL A 578 9.04 -17.70 8.37
C VAL A 578 9.18 -16.21 8.15
N HIS A 579 10.40 -15.69 8.30
CA HIS A 579 10.68 -14.27 8.11
C HIS A 579 10.49 -13.85 6.66
N GLN A 580 10.08 -12.60 6.46
CA GLN A 580 9.86 -12.11 5.10
C GLN A 580 11.15 -12.10 4.28
N SER A 581 12.30 -11.99 4.95
CA SER A 581 13.57 -12.00 4.22
C SER A 581 13.82 -13.35 3.56
N VAL A 582 13.31 -14.41 4.18
CA VAL A 582 13.43 -15.74 3.62
C VAL A 582 12.58 -15.84 2.36
N GLN A 583 11.36 -15.31 2.44
CA GLN A 583 10.44 -15.37 1.33
C GLN A 583 10.98 -14.55 0.16
N CYS A 584 11.54 -13.39 0.48
CA CYS A 584 12.04 -12.48 -0.54
C CYS A 584 13.25 -13.06 -1.25
N GLN A 585 14.11 -13.74 -0.51
CA GLN A 585 15.24 -14.40 -1.15
C GLN A 585 14.76 -15.50 -2.11
N GLN A 586 13.70 -16.23 -1.74
CA GLN A 586 13.18 -17.28 -2.62
C GLN A 586 12.67 -16.67 -3.91
N LEU A 587 11.94 -15.56 -3.79
CA LEU A 587 11.49 -14.79 -4.96
C LEU A 587 12.66 -14.26 -5.80
N ALA A 588 13.70 -13.78 -5.13
CA ALA A 588 14.84 -13.22 -5.83
C ALA A 588 15.57 -14.28 -6.66
N LEU A 589 15.65 -15.50 -6.14
CA LEU A 589 16.25 -16.62 -6.85
C LEU A 589 15.41 -17.06 -8.04
N ALA A 590 14.09 -17.07 -7.86
CA ALA A 590 13.21 -17.41 -8.96
C ALA A 590 13.33 -16.38 -10.06
N LEU A 591 13.41 -15.11 -9.66
CA LEU A 591 13.47 -14.01 -10.63
C LEU A 591 14.86 -13.93 -11.27
N ARG A 592 15.88 -14.36 -10.53
CA ARG A 592 17.24 -14.42 -11.09
C ARG A 592 17.23 -15.35 -12.30
N ASP A 593 16.58 -16.49 -12.16
CA ASP A 593 16.47 -17.46 -13.24
C ASP A 593 15.72 -16.85 -14.42
N GLU A 594 14.70 -16.06 -14.15
CA GLU A 594 13.89 -15.48 -15.22
C GLU A 594 14.71 -14.44 -16.00
N VAL A 595 15.47 -13.64 -15.26
CA VAL A 595 16.33 -12.62 -15.85
C VAL A 595 17.36 -13.27 -16.77
N VAL A 596 18.00 -14.32 -16.28
CA VAL A 596 19.02 -15.03 -17.02
C VAL A 596 18.41 -15.67 -18.25
N ASP A 597 17.19 -16.18 -18.09
CA ASP A 597 16.43 -16.75 -19.21
C ASP A 597 16.08 -15.73 -20.29
N LEU A 598 15.70 -14.52 -19.87
CA LEU A 598 15.43 -13.45 -20.84
C LEU A 598 16.71 -13.12 -21.61
N GLU A 599 17.82 -12.99 -20.88
CA GLU A 599 19.10 -12.69 -21.51
C GLU A 599 19.50 -13.75 -22.53
N LYS A 600 19.22 -15.02 -22.21
CA LYS A 600 19.50 -16.15 -23.10
C LYS A 600 18.65 -16.14 -24.36
N ASN A 601 17.53 -15.42 -24.32
CA ASN A 601 16.59 -15.46 -25.43
C ASN A 601 16.53 -14.15 -26.24
N GLY A 602 17.62 -13.39 -26.21
CA GLY A 602 17.75 -12.25 -27.10
C GLY A 602 17.42 -10.92 -26.49
N ILE A 603 17.19 -10.91 -25.17
CA ILE A 603 16.80 -9.71 -24.44
C ILE A 603 17.97 -9.20 -23.60
N TYR A 604 18.43 -7.97 -23.83
CA TYR A 604 19.62 -7.52 -23.11
C TYR A 604 19.39 -6.15 -22.47
N VAL A 605 18.12 -5.77 -22.37
CA VAL A 605 17.69 -4.67 -21.53
C VAL A 605 16.56 -5.24 -20.69
N ILE A 606 16.75 -5.28 -19.38
CA ILE A 606 15.77 -5.91 -18.49
C ILE A 606 15.36 -4.95 -17.39
N GLN A 607 14.09 -4.58 -17.38
CA GLN A 607 13.58 -3.65 -16.39
C GLN A 607 12.95 -4.41 -15.24
N VAL A 608 13.43 -4.13 -14.03
CA VAL A 608 12.93 -4.82 -12.85
C VAL A 608 12.43 -3.76 -11.88
N ASP A 609 11.13 -3.74 -11.67
CA ASP A 609 10.49 -2.64 -10.96
C ASP A 609 10.08 -3.04 -9.57
N GLU A 610 10.33 -2.14 -8.61
CA GLU A 610 10.01 -2.41 -7.21
C GLU A 610 9.15 -1.34 -6.56
N PRO A 611 7.90 -1.21 -7.00
CA PRO A 611 7.07 -0.10 -6.51
C PRO A 611 6.73 -0.21 -5.02
N ALA A 612 7.02 -1.34 -4.40
CA ALA A 612 6.68 -1.54 -2.99
C ALA A 612 7.89 -1.37 -2.06
N LEU A 613 9.05 -1.09 -2.63
CA LEU A 613 10.28 -1.01 -1.86
C LEU A 613 10.17 0.01 -0.73
N ARG A 614 9.72 1.21 -1.07
CA ARG A 614 9.60 2.28 -0.10
C ARG A 614 8.47 2.02 0.89
N GLU A 615 7.35 1.48 0.39
CA GLU A 615 6.18 1.17 1.23
C GLU A 615 6.51 0.28 2.43
N GLY A 616 7.44 -0.63 2.24
CA GLY A 616 7.78 -1.59 3.29
C GLY A 616 8.74 -1.10 4.36
N LEU A 617 9.20 0.13 4.24
CA LEU A 617 10.15 0.67 5.21
C LEU A 617 9.56 0.63 6.61
N PRO A 618 10.28 0.01 7.56
CA PRO A 618 9.85 0.11 8.97
C PRO A 618 9.64 1.57 9.36
N LEU A 619 8.64 1.82 10.19
CA LEU A 619 8.07 3.15 10.38
C LEU A 619 8.91 4.11 11.24
N ARG A 620 9.95 3.59 11.88
CA ARG A 620 10.89 4.43 12.63
C ARG A 620 12.31 3.98 12.35
N LYS A 621 13.26 4.89 12.52
CA LYS A 621 14.67 4.58 12.27
C LYS A 621 15.20 3.61 13.29
N GLY A 622 16.30 2.96 12.95
CA GLY A 622 16.96 2.03 13.86
C GLY A 622 17.33 0.72 13.25
N GLN A 623 17.65 -0.26 14.09
CA GLN A 623 18.23 -1.52 13.60
C GLN A 623 17.24 -2.28 12.73
N GLU A 624 15.95 -2.17 13.03
CA GLU A 624 14.94 -2.84 12.22
C GLU A 624 14.84 -2.24 10.80
N ARG A 625 14.83 -0.91 10.71
CA ARG A 625 14.74 -0.27 9.39
C ARG A 625 15.96 -0.64 8.57
N GLU A 626 17.14 -0.58 9.20
CA GLU A 626 18.38 -0.95 8.53
C GLU A 626 18.39 -2.41 8.08
N ALA A 627 17.81 -3.29 8.89
CA ALA A 627 17.71 -4.71 8.54
C ALA A 627 16.86 -4.89 7.28
N TYR A 628 15.71 -4.22 7.24
CA TYR A 628 14.82 -4.31 6.08
C TYR A 628 15.51 -3.87 4.81
N LEU A 629 16.13 -2.69 4.85
CA LEU A 629 16.78 -2.16 3.67
C LEU A 629 17.85 -3.11 3.18
N LYS A 630 18.54 -3.76 4.11
CA LYS A 630 19.58 -4.70 3.73
C LYS A 630 19.04 -5.88 2.92
N TRP A 631 18.00 -6.55 3.39
CA TRP A 631 17.53 -7.72 2.66
C TRP A 631 16.67 -7.33 1.46
N ALA A 632 16.02 -6.17 1.52
CA ALA A 632 15.23 -5.69 0.38
C ALA A 632 16.16 -5.36 -0.81
N VAL A 633 17.23 -4.63 -0.51
CA VAL A 633 18.23 -4.29 -1.51
C VAL A 633 18.96 -5.54 -2.01
N ASP A 634 19.43 -6.37 -1.08
CA ASP A 634 20.09 -7.63 -1.42
C ASP A 634 19.25 -8.51 -2.32
N SER A 635 17.94 -8.55 -2.07
CA SER A 635 17.04 -9.36 -2.89
C SER A 635 16.99 -8.85 -4.33
N PHE A 636 16.90 -7.53 -4.50
CA PHE A 636 16.89 -6.95 -5.84
C PHE A 636 18.19 -7.27 -6.55
N LYS A 637 19.29 -7.06 -5.84
CA LYS A 637 20.62 -7.36 -6.39
C LYS A 637 20.78 -8.83 -6.76
N LEU A 638 20.32 -9.73 -5.91
CA LEU A 638 20.41 -11.17 -6.18
C LEU A 638 19.62 -11.52 -7.43
N ALA A 639 18.49 -10.85 -7.63
CA ALA A 639 17.65 -11.10 -8.79
C ALA A 639 18.29 -10.61 -10.09
N THR A 640 19.10 -9.57 -10.02
CA THR A 640 19.57 -8.91 -11.22
C THR A 640 21.08 -9.03 -11.50
N ALA A 641 21.84 -9.59 -10.56
CA ALA A 641 23.29 -9.60 -10.67
C ALA A 641 23.84 -10.66 -11.61
N GLY A 642 22.98 -11.58 -12.06
CA GLY A 642 23.43 -12.72 -12.85
C GLY A 642 23.69 -12.43 -14.32
N VAL A 643 23.52 -11.17 -14.72
CA VAL A 643 23.61 -10.81 -16.14
C VAL A 643 25.02 -10.48 -16.60
N GLU A 644 25.22 -10.48 -17.92
CA GLU A 644 26.50 -10.08 -18.50
C GLU A 644 26.69 -8.57 -18.37
N ASN A 645 27.94 -8.12 -18.43
CA ASN A 645 28.23 -6.70 -18.35
C ASN A 645 27.54 -5.89 -19.44
N SER A 646 27.33 -6.51 -20.59
CA SER A 646 26.76 -5.79 -21.73
C SER A 646 25.24 -5.73 -21.68
N THR A 647 24.66 -6.37 -20.67
CA THR A 647 23.21 -6.32 -20.44
C THR A 647 22.87 -5.16 -19.52
N GLN A 648 21.86 -4.35 -19.85
CA GLN A 648 21.46 -3.29 -18.92
C GLN A 648 20.28 -3.68 -18.03
N ILE A 649 20.42 -3.34 -16.75
CA ILE A 649 19.35 -3.47 -15.76
C ILE A 649 18.72 -2.10 -15.58
N HIS A 650 17.42 -2.01 -15.81
CA HIS A 650 16.67 -0.77 -15.62
C HIS A 650 15.72 -0.93 -14.44
N SER A 651 15.35 0.18 -13.83
CA SER A 651 14.33 0.14 -12.80
C SER A 651 13.54 1.44 -12.81
N HIS A 652 12.22 1.30 -12.75
CA HIS A 652 11.32 2.46 -12.76
C HIS A 652 10.85 2.78 -11.34
N PHE A 653 10.89 4.06 -10.97
CA PHE A 653 10.37 4.51 -9.69
C PHE A 653 9.18 5.44 -9.85
N CYS A 654 8.11 5.09 -9.17
CA CYS A 654 6.83 5.78 -9.28
C CYS A 654 6.70 6.98 -8.34
N TYR A 655 7.81 7.55 -7.91
CA TYR A 655 7.76 8.77 -7.10
C TYR A 655 8.92 9.68 -7.48
N SER A 656 8.81 10.95 -7.09
CA SER A 656 9.77 11.96 -7.52
C SER A 656 10.74 12.40 -6.42
N GLU A 657 10.62 11.80 -5.23
CA GLU A 657 11.47 12.16 -4.11
C GLU A 657 11.86 10.94 -3.29
N PHE A 658 13.12 10.91 -2.86
CA PHE A 658 13.68 9.75 -2.17
C PHE A 658 14.24 10.11 -0.81
N GLN A 659 13.53 10.96 -0.08
CA GLN A 659 13.98 11.42 1.23
C GLN A 659 14.35 10.25 2.13
N ASP A 660 15.59 10.28 2.64
CA ASP A 660 16.10 9.26 3.54
C ASP A 660 16.03 7.89 2.90
N PHE A 661 16.27 7.84 1.59
CA PHE A 661 16.01 6.63 0.84
C PHE A 661 16.90 6.48 -0.38
N PHE A 662 17.57 7.56 -0.77
CA PHE A 662 18.37 7.56 -1.99
C PHE A 662 19.51 6.56 -1.91
N HIS A 663 20.04 6.36 -0.70
CA HIS A 663 21.16 5.46 -0.51
C HIS A 663 20.82 4.02 -0.91
N ALA A 664 19.57 3.63 -0.62
CA ALA A 664 19.07 2.30 -0.98
C ALA A 664 18.93 2.17 -2.49
N ILE A 665 18.39 3.21 -3.12
CA ILE A 665 18.27 3.24 -4.58
C ILE A 665 19.63 3.08 -5.24
N ALA A 666 20.61 3.80 -4.72
CA ALA A 666 21.95 3.77 -5.27
C ALA A 666 22.55 2.38 -5.07
N ALA A 667 22.19 1.74 -3.97
CA ALA A 667 22.72 0.41 -3.65
C ALA A 667 22.23 -0.68 -4.62
N LEU A 668 21.14 -0.40 -5.33
CA LEU A 668 20.62 -1.36 -6.31
C LEU A 668 21.59 -1.62 -7.47
N ASP A 669 22.46 -0.66 -7.74
CA ASP A 669 23.45 -0.74 -8.82
C ASP A 669 22.78 -0.88 -10.19
N ALA A 670 21.60 -0.30 -10.34
CA ALA A 670 20.91 -0.34 -11.63
C ALA A 670 21.65 0.51 -12.68
N ASP A 671 21.72 0.03 -13.91
CA ASP A 671 22.37 0.81 -14.97
C ASP A 671 21.58 2.08 -15.31
N VAL A 672 20.27 1.94 -15.39
CA VAL A 672 19.40 3.06 -15.76
C VAL A 672 18.19 3.14 -14.85
N LEU A 673 17.90 4.34 -14.34
CA LEU A 673 16.72 4.58 -13.52
C LEU A 673 15.74 5.49 -14.25
N SER A 674 14.47 5.12 -14.29
CA SER A 674 13.47 6.10 -14.70
C SER A 674 12.68 6.51 -13.47
N ILE A 675 12.28 7.77 -13.42
CA ILE A 675 11.51 8.26 -12.28
C ILE A 675 10.36 9.14 -12.77
N GLU A 676 9.26 9.12 -12.03
CA GLU A 676 8.11 9.99 -12.34
C GLU A 676 8.51 11.40 -11.95
N ASN A 677 8.50 12.34 -12.90
CA ASN A 677 9.06 13.64 -12.61
C ASN A 677 8.43 14.85 -13.31
N SER A 678 7.68 14.62 -14.39
CA SER A 678 7.30 15.72 -15.27
C SER A 678 6.45 16.80 -14.59
N LYS A 679 5.66 16.42 -13.59
CA LYS A 679 4.83 17.38 -12.87
C LYS A 679 5.55 17.96 -11.65
N SER A 680 6.77 17.50 -11.42
CA SER A 680 7.55 17.99 -10.30
C SER A 680 8.51 19.10 -10.75
N ASP A 681 8.86 19.97 -9.82
CA ASP A 681 9.88 20.98 -10.09
C ASP A 681 11.21 20.27 -10.36
N ALA A 682 11.85 20.61 -11.47
CA ALA A 682 13.13 20.04 -11.86
C ALA A 682 14.19 20.19 -10.77
N LYS A 683 14.00 21.14 -9.86
CA LYS A 683 14.98 21.40 -8.81
C LYS A 683 15.13 20.20 -7.88
N LEU A 684 14.13 19.32 -7.88
CA LEU A 684 14.17 18.09 -7.09
C LEU A 684 15.24 17.14 -7.61
N LEU A 685 15.70 17.36 -8.84
CA LEU A 685 16.82 16.59 -9.38
C LEU A 685 18.15 16.92 -8.70
N LYS A 686 18.14 17.91 -7.81
CA LYS A 686 19.36 18.30 -7.09
C LYS A 686 19.97 17.12 -6.32
N VAL A 687 19.14 16.20 -5.86
CA VAL A 687 19.63 15.05 -5.09
C VAL A 687 20.67 14.25 -5.87
N PHE A 688 20.52 14.17 -7.19
CA PHE A 688 21.47 13.43 -7.99
C PHE A 688 22.84 14.10 -8.01
N ILE A 689 22.83 15.44 -7.97
CA ILE A 689 24.06 16.21 -7.90
C ILE A 689 24.72 16.01 -6.55
N ASP A 690 23.93 16.17 -5.50
CA ASP A 690 24.45 16.06 -4.13
C ASP A 690 25.00 14.67 -3.82
N GLU A 691 24.35 13.65 -4.34
CA GLU A 691 24.80 12.28 -4.09
C GLU A 691 25.80 11.81 -5.15
N GLU A 692 26.13 12.69 -6.09
CA GLU A 692 27.08 12.38 -7.17
C GLU A 692 26.73 11.06 -7.86
N TYR A 693 25.46 10.88 -8.20
CA TYR A 693 25.00 9.64 -8.79
C TYR A 693 25.71 9.41 -10.11
N PRO A 694 26.38 8.25 -10.24
CA PRO A 694 27.25 7.97 -11.39
C PRO A 694 26.60 7.25 -12.56
N ARG A 695 25.37 6.79 -12.42
CA ARG A 695 24.80 5.96 -13.48
C ARG A 695 23.69 6.71 -14.22
N HIS A 696 22.93 6.04 -15.06
CA HIS A 696 22.05 6.78 -15.98
C HIS A 696 20.64 6.94 -15.42
N ILE A 697 19.98 8.02 -15.87
CA ILE A 697 18.72 8.47 -15.28
C ILE A 697 17.79 8.98 -16.36
N GLY A 698 16.53 8.56 -16.31
CA GLY A 698 15.48 9.15 -17.14
C GLY A 698 14.31 9.70 -16.34
N PRO A 699 14.40 10.98 -15.92
CA PRO A 699 13.24 11.60 -15.27
C PRO A 699 12.18 11.82 -16.32
N GLY A 700 10.93 11.45 -16.07
CA GLY A 700 9.90 11.53 -17.10
C GLY A 700 9.77 12.91 -17.72
N VAL A 701 9.53 12.99 -19.02
CA VAL A 701 9.37 14.29 -19.67
C VAL A 701 7.93 14.58 -20.03
N TYR A 702 7.07 13.58 -19.88
CA TYR A 702 5.70 13.58 -20.42
C TYR A 702 4.77 13.07 -19.32
N ASP A 703 3.81 13.90 -18.93
CA ASP A 703 2.78 13.49 -17.98
C ASP A 703 1.77 12.58 -18.67
N ILE A 704 1.93 11.27 -18.48
CA ILE A 704 1.07 10.30 -19.18
C ILE A 704 -0.34 10.23 -18.57
N HIS A 705 -0.54 10.88 -17.42
CA HIS A 705 -1.85 10.80 -16.78
C HIS A 705 -2.78 11.88 -17.30
N SER A 706 -2.28 12.66 -18.24
CA SER A 706 -3.09 13.64 -18.96
C SER A 706 -3.26 13.17 -20.41
N PRO A 707 -4.47 13.33 -20.96
CA PRO A 707 -4.68 12.97 -22.36
C PRO A 707 -4.14 14.03 -23.31
N ARG A 708 -3.69 15.16 -22.76
CA ARG A 708 -3.15 16.22 -23.59
C ARG A 708 -1.84 15.81 -24.23
N VAL A 709 -1.66 16.14 -25.51
CA VAL A 709 -0.39 15.93 -26.20
C VAL A 709 0.53 17.14 -26.08
N PRO A 710 1.58 17.03 -25.26
CA PRO A 710 2.52 18.15 -25.15
C PRO A 710 3.17 18.48 -26.50
N THR A 711 3.50 19.76 -26.70
CA THR A 711 4.08 20.21 -27.96
C THR A 711 5.56 19.90 -28.02
N LEU A 712 6.12 19.90 -29.23
CA LEU A 712 7.56 19.74 -29.38
C LEU A 712 8.34 20.73 -28.50
N GLU A 713 7.91 21.98 -28.46
CA GLU A 713 8.60 22.98 -27.65
C GLU A 713 8.51 22.69 -26.16
N GLU A 714 7.40 22.10 -25.73
CA GLU A 714 7.27 21.75 -24.32
C GLU A 714 8.24 20.62 -23.96
N PHE A 715 8.36 19.63 -24.84
CA PHE A 715 9.32 18.56 -24.63
C PHE A 715 10.75 19.11 -24.58
N LYS A 716 11.08 20.01 -25.51
CA LYS A 716 12.43 20.58 -25.53
C LYS A 716 12.72 21.35 -24.24
N GLN A 717 11.74 22.11 -23.78
CA GLN A 717 11.93 22.93 -22.59
C GLN A 717 12.14 22.05 -21.35
N ARG A 718 11.40 20.96 -21.27
CA ARG A 718 11.56 20.01 -20.15
C ARG A 718 12.95 19.37 -20.19
N ILE A 719 13.41 19.05 -21.40
CA ILE A 719 14.72 18.43 -21.53
C ILE A 719 15.80 19.41 -21.09
N GLU A 720 15.67 20.66 -21.53
CA GLU A 720 16.60 21.72 -21.12
C GLU A 720 16.64 21.84 -19.61
N GLU A 721 15.47 21.80 -18.98
CA GLU A 721 15.37 21.95 -17.53
C GLU A 721 16.02 20.77 -16.80
N MET A 722 15.99 19.59 -17.41
CA MET A 722 16.59 18.42 -16.79
C MET A 722 18.11 18.49 -16.91
N LEU A 723 18.58 19.10 -17.99
CA LEU A 723 20.02 19.21 -18.26
C LEU A 723 20.64 20.31 -17.41
N ALA A 724 19.83 21.04 -16.66
CA ALA A 724 20.35 21.95 -15.65
C ALA A 724 20.90 21.18 -14.46
N TYR A 725 20.52 19.90 -14.35
CA TYR A 725 20.91 19.11 -13.19
C TYR A 725 21.68 17.84 -13.55
N LEU A 726 21.41 17.30 -14.72
CA LEU A 726 22.02 16.04 -15.10
C LEU A 726 22.95 16.20 -16.30
N LYS A 727 24.01 15.41 -16.32
CA LYS A 727 24.94 15.41 -17.44
C LYS A 727 24.30 14.79 -18.67
N PRO A 728 24.62 15.32 -19.86
CA PRO A 728 24.05 14.85 -21.11
C PRO A 728 24.21 13.35 -21.30
N GLU A 729 25.39 12.82 -20.99
CA GLU A 729 25.66 11.43 -21.26
C GLU A 729 24.84 10.49 -20.35
N GLN A 730 24.28 11.01 -19.25
CA GLN A 730 23.52 10.11 -18.39
C GLN A 730 22.01 10.21 -18.56
N LEU A 731 21.56 11.16 -19.38
CA LEU A 731 20.12 11.43 -19.53
C LEU A 731 19.39 10.52 -20.52
N TRP A 732 18.37 9.80 -20.05
CA TRP A 732 17.45 9.09 -20.94
C TRP A 732 16.19 9.91 -21.14
N ILE A 733 15.53 9.69 -22.29
CA ILE A 733 14.31 10.43 -22.59
C ILE A 733 13.14 9.45 -22.61
N ASN A 734 12.23 9.59 -21.65
CA ASN A 734 11.11 8.66 -21.52
C ASN A 734 9.93 9.32 -20.82
N PRO A 735 8.73 8.73 -20.95
CA PRO A 735 7.56 9.26 -20.24
C PRO A 735 7.64 9.04 -18.73
N ASP A 736 6.73 9.66 -18.00
CA ASP A 736 6.61 9.52 -16.57
C ASP A 736 6.33 8.09 -16.12
N CYS A 737 5.47 7.41 -16.87
CA CYS A 737 4.95 6.12 -16.47
CA CYS A 737 4.95 6.10 -16.47
C CYS A 737 4.54 5.27 -17.68
N GLY A 738 4.05 4.06 -17.41
CA GLY A 738 3.47 3.21 -18.46
C GLY A 738 2.31 3.89 -19.17
N LEU A 739 1.91 3.35 -20.32
CA LEU A 739 0.93 4.02 -21.20
C LEU A 739 -0.40 3.27 -21.32
N LYS A 740 -0.62 2.30 -20.43
CA LYS A 740 -1.84 1.50 -20.38
C LYS A 740 -3.14 2.32 -20.38
N THR A 741 -3.14 3.45 -19.70
CA THR A 741 -4.36 4.23 -19.55
C THR A 741 -4.55 5.27 -20.66
N ARG A 742 -3.62 5.32 -21.60
CA ARG A 742 -3.75 6.27 -22.70
C ARG A 742 -4.30 5.58 -23.95
N LYS A 743 -4.70 6.38 -24.92
CA LYS A 743 -5.15 5.82 -26.20
C LYS A 743 -4.09 6.07 -27.25
N TRP A 744 -4.08 5.24 -28.29
CA TRP A 744 -2.95 5.22 -29.21
C TRP A 744 -2.74 6.53 -29.97
N ASP A 745 -3.80 7.30 -30.19
CA ASP A 745 -3.63 8.57 -30.92
C ASP A 745 -2.86 9.56 -30.04
N GLU A 746 -3.18 9.60 -28.76
CA GLU A 746 -2.45 10.41 -27.78
C GLU A 746 -1.00 9.97 -27.68
N VAL A 747 -0.80 8.66 -27.65
CA VAL A 747 0.53 8.10 -27.50
C VAL A 747 1.39 8.40 -28.74
N LYS A 748 0.87 8.15 -29.94
CA LYS A 748 1.63 8.47 -31.14
C LYS A 748 2.01 9.95 -31.20
N GLY A 749 1.07 10.82 -30.85
CA GLY A 749 1.36 12.24 -30.93
C GLY A 749 2.43 12.64 -29.93
N ALA A 750 2.28 12.19 -28.69
CA ALA A 750 3.23 12.60 -27.66
C ALA A 750 4.61 11.99 -27.87
N LEU A 751 4.67 10.70 -28.17
CA LEU A 751 5.96 10.06 -28.34
C LEU A 751 6.66 10.58 -29.59
N SER A 752 5.89 10.99 -30.60
CA SER A 752 6.49 11.59 -31.79
C SER A 752 7.20 12.90 -31.42
N HIS A 753 6.51 13.75 -30.67
CA HIS A 753 7.12 15.00 -30.22
C HIS A 753 8.30 14.72 -29.32
N MET A 754 8.20 13.66 -28.54
CA MET A 754 9.26 13.30 -27.60
C MET A 754 10.56 12.95 -28.32
N VAL A 755 10.45 12.08 -29.32
CA VAL A 755 11.61 11.66 -30.09
C VAL A 755 12.21 12.83 -30.87
N GLU A 756 11.35 13.65 -31.47
CA GLU A 756 11.81 14.84 -32.19
C GLU A 756 12.59 15.79 -31.28
N ALA A 757 12.11 15.95 -30.05
CA ALA A 757 12.82 16.77 -29.07
C ALA A 757 14.19 16.17 -28.75
N ALA A 758 14.24 14.84 -28.59
CA ALA A 758 15.51 14.16 -28.35
C ALA A 758 16.48 14.36 -29.50
N LYS A 759 15.99 14.19 -30.71
CA LYS A 759 16.80 14.37 -31.91
C LYS A 759 17.35 15.80 -32.04
N TYR A 760 16.52 16.78 -31.70
CA TYR A 760 16.96 18.16 -31.61
C TYR A 760 18.17 18.32 -30.68
N PHE A 761 18.10 17.76 -29.48
CA PHE A 761 19.21 17.90 -28.53
C PHE A 761 20.44 17.09 -28.96
N ARG A 762 20.23 16.00 -29.66
CA ARG A 762 21.33 15.25 -30.23
C ARG A 762 22.11 16.13 -31.21
N GLU A 763 21.38 16.93 -31.98
CA GLU A 763 22.00 17.89 -32.89
C GLU A 763 22.71 18.98 -32.11
N LYS A 764 21.98 19.55 -31.15
CA LYS A 764 22.50 20.63 -30.33
C LYS A 764 23.79 20.24 -29.61
N TYR A 765 23.86 18.99 -29.16
CA TYR A 765 25.02 18.52 -28.40
C TYR A 765 25.98 17.77 -29.29
N ALA A 766 25.77 17.86 -30.59
CA ALA A 766 26.73 17.29 -31.53
C ALA A 766 28.05 18.05 -31.45
N ASN A 767 29.15 17.35 -31.72
CA ASN A 767 30.46 17.98 -31.74
C ASN A 767 30.50 19.10 -32.78
N LYS A 768 31.18 20.19 -32.45
CA LYS A 768 31.39 21.28 -33.40
C LYS A 768 32.33 20.82 -34.52
N ALA A 769 32.45 21.63 -35.57
CA ALA A 769 33.38 21.32 -36.65
C ALA A 769 34.78 21.12 -36.08
CD CD B . 5.13 4.95 -12.76
CD CD C . 2.80 3.23 -10.12
CD CD D . 1.76 6.78 -12.82
CD CD E . 3.66 6.88 -9.33
CD CD F . 24.61 10.48 0.76
CD CD G . 31.70 -7.94 -24.86
C1 GOL H . 26.61 13.44 -10.82
O1 GOL H . 27.15 14.74 -10.76
C2 GOL H . 25.44 13.43 -11.81
O2 GOL H . 24.28 12.97 -11.15
C3 GOL H . 25.21 14.81 -12.39
O3 GOL H . 24.64 15.65 -11.41
C1 GOL I . 2.68 22.85 21.09
O1 GOL I . 1.57 22.20 21.65
C2 GOL I . 2.68 22.66 19.59
O2 GOL I . 3.61 21.68 19.23
C3 GOL I . 1.30 22.23 19.09
O3 GOL I . 0.63 23.36 18.57
N NO3 J . -15.26 -26.67 23.23
O1 NO3 J . -16.52 -26.64 23.30
O2 NO3 J . -14.65 -26.03 22.33
O3 NO3 J . -14.62 -27.35 24.07
N NO3 K . -11.88 -3.21 -7.41
O1 NO3 K . -12.59 -3.46 -6.39
O2 NO3 K . -11.49 -2.04 -7.64
O3 NO3 K . -11.59 -4.16 -8.20
C TRS L . -1.17 -6.28 0.81
C1 TRS L . -2.18 -5.32 1.43
C2 TRS L . -1.49 -6.49 -0.67
C3 TRS L . -1.17 -7.63 1.54
N TRS L . 0.15 -5.68 0.92
O1 TRS L . -3.50 -5.65 1.04
O2 TRS L . -1.87 -5.27 -1.25
O3 TRS L . -0.05 -7.70 2.41
#